data_8XO5
# 
_entry.id   8XO5 
# 
_audit_conform.dict_name       mmcif_pdbx.dic 
_audit_conform.dict_version    5.402 
_audit_conform.dict_location   http://mmcif.pdb.org/dictionaries/ascii/mmcif_pdbx.dic 
# 
loop_
_database_2.database_id 
_database_2.database_code 
_database_2.pdbx_database_accession 
_database_2.pdbx_DOI 
PDB   8XO5         pdb_00008xo5 10.2210/pdb8xo5/pdb 
WWPDB D_1300043886 ?            ?                   
# 
loop_
_pdbx_audit_revision_history.ordinal 
_pdbx_audit_revision_history.data_content_type 
_pdbx_audit_revision_history.major_revision 
_pdbx_audit_revision_history.minor_revision 
_pdbx_audit_revision_history.revision_date 
_pdbx_audit_revision_history.part_number 
1 'Structure model' 1 0 2025-01-01 ? 
2 'Structure model' 1 1 2025-03-05 ? 
# 
_pdbx_audit_revision_details.ordinal             1 
_pdbx_audit_revision_details.revision_ordinal    1 
_pdbx_audit_revision_details.data_content_type   'Structure model' 
_pdbx_audit_revision_details.provider            repository 
_pdbx_audit_revision_details.type                'Initial release' 
_pdbx_audit_revision_details.description         ? 
_pdbx_audit_revision_details.details             ? 
# 
_pdbx_audit_revision_group.ordinal             1 
_pdbx_audit_revision_group.revision_ordinal    2 
_pdbx_audit_revision_group.data_content_type   'Structure model' 
_pdbx_audit_revision_group.group               'Database references' 
# 
loop_
_pdbx_audit_revision_category.ordinal 
_pdbx_audit_revision_category.revision_ordinal 
_pdbx_audit_revision_category.data_content_type 
_pdbx_audit_revision_category.category 
1 2 'Structure model' citation        
2 2 'Structure model' citation_author 
# 
loop_
_pdbx_audit_revision_item.ordinal 
_pdbx_audit_revision_item.revision_ordinal 
_pdbx_audit_revision_item.data_content_type 
_pdbx_audit_revision_item.item 
1  2 'Structure model' '_citation.country'                 
2  2 'Structure model' '_citation.journal_abbrev'          
3  2 'Structure model' '_citation.journal_id_ASTM'         
4  2 'Structure model' '_citation.journal_id_CSD'          
5  2 'Structure model' '_citation.journal_id_ISSN'         
6  2 'Structure model' '_citation.journal_volume'          
7  2 'Structure model' '_citation.page_first'              
8  2 'Structure model' '_citation.page_last'               
9  2 'Structure model' '_citation.pdbx_database_id_DOI'    
10 2 'Structure model' '_citation.pdbx_database_id_PubMed' 
11 2 'Structure model' '_citation.title'                   
12 2 'Structure model' '_citation.year'                    
# 
_pdbx_database_status.status_code                     REL 
_pdbx_database_status.status_code_sf                  REL 
_pdbx_database_status.status_code_mr                  ? 
_pdbx_database_status.entry_id                        8XO5 
_pdbx_database_status.recvd_initial_deposition_date   2023-12-31 
_pdbx_database_status.SG_entry                        N 
_pdbx_database_status.deposit_site                    PDBJ 
_pdbx_database_status.process_site                    PDBJ 
_pdbx_database_status.status_code_cs                  ? 
_pdbx_database_status.status_code_nmr_data            ? 
_pdbx_database_status.methods_development_category    ? 
_pdbx_database_status.pdb_format_compatible           Y 
# 
loop_
_pdbx_database_related.db_name 
_pdbx_database_related.details 
_pdbx_database_related.db_id 
_pdbx_database_related.content_type 
PDB . 8XNE unspecified 
PDB . 8XO2 unspecified 
PDB . 8XO3 unspecified 
PDB . 8XO4 unspecified 
# 
_pdbx_contact_author.id                 3 
_pdbx_contact_author.email              soishi@mb.kyoto-phu.ac.jp 
_pdbx_contact_author.name_first         Shinya 
_pdbx_contact_author.name_last          Oishi 
_pdbx_contact_author.name_mi            ? 
_pdbx_contact_author.role               'principal investigator/group leader' 
_pdbx_contact_author.identifier_ORCID   0000-0002-2833-2539 
# 
loop_
_audit_author.name 
_audit_author.pdbx_ordinal 
_audit_author.identifier_ORCID 
'Oishi, S.'    1 0000-0002-2833-2539 
'Takahara, A.' 2 0000-0002-4658-0181 
'Nakatsu, T.'  3 0000-0002-9582-4023 
# 
_citation.abstract                  ? 
_citation.abstract_id_CAS           ? 
_citation.book_id_ISBN              ? 
_citation.book_publisher            ? 
_citation.book_publisher_city       ? 
_citation.book_title                ? 
_citation.coordinate_linkage        ? 
_citation.country                   US 
_citation.database_id_Medline       ? 
_citation.details                   ? 
_citation.id                        primary 
_citation.journal_abbrev            J.Med.Chem. 
_citation.journal_id_ASTM           JMCMAR 
_citation.journal_id_CSD            0151 
_citation.journal_id_ISSN           0022-2623 
_citation.journal_full              ? 
_citation.journal_issue             ? 
_citation.journal_volume            68 
_citation.language                  ? 
_citation.page_first                3123 
_citation.page_last                 3133 
_citation.title                     
'Elucidation of Postfusion Structures of the Measles Virus F Protein for the Structure-Based Design of Fusion Inhibitors.' 
_citation.year                      2025 
_citation.database_id_CSD           ? 
_citation.pdbx_database_id_DOI      10.1021/acs.jmedchem.4c02337 
_citation.pdbx_database_id_PubMed   39887040 
_citation.pdbx_database_id_patent   ? 
_citation.unpublished_flag          ? 
# 
loop_
_citation_author.citation_id 
_citation_author.name 
_citation_author.ordinal 
_citation_author.identifier_ORCID 
primary 'Takahara, A.' 1  ?                   
primary 'Nakatsu, T.'  2  ?                   
primary 'Hirata, K.'   3  ?                   
primary 'Hayashi, H.'  4  ?                   
primary 'Kawaji, K.'   5  ?                   
primary 'Aoki, K.'     6  ?                   
primary 'Inuki, S.'    7  0000-0002-7525-1280 
primary 'Ohno, H.'     8  0000-0002-3246-4809 
primary 'Kato, H.'     9  ?                   
primary 'Kodama, E.'   10 ?                   
primary 'Oishi, S.'    11 0000-0002-2833-2539 
# 
loop_
_entity.id 
_entity.type 
_entity.src_method 
_entity.pdbx_description 
_entity.formula_weight 
_entity.pdbx_number_of_molecules 
_entity.pdbx_ec 
_entity.pdbx_mutation 
_entity.pdbx_fragment 
_entity.details 
1 polymer     syn 'Fusion glycoprotein F1'               4426.899 1  ? ? ? ? 
2 polymer     syn 'Measles virus fusion inhibitor MEK28' 3359.003 1  ? ? ? ? 
3 non-polymer syn '(4S)-2-METHYL-2,4-PENTANEDIOL'        118.174  1  ? ? ? ? 
4 water       nat water                                  18.015   47 ? ? ? ? 
# 
loop_
_entity_poly.entity_id 
_entity_poly.type 
_entity_poly.nstd_linkage 
_entity_poly.nstd_monomer 
_entity_poly.pdbx_seq_one_letter_code 
_entity_poly.pdbx_seq_one_letter_code_can 
_entity_poly.pdbx_strand_id 
_entity_poly.pdbx_target_identifier 
1 'polypeptide(L)' no yes '(ACE)QAIDNLRASLETTNQAIEAIRQAGQEMILAVQGVQDYINN(NH2)' XQAIDNLRASLETTNQAIEAIRQAGQEMILAVQGVQDYINNX A ? 
2 'polypeptide(L)' no yes '(ACE)VEENLKKAEEKLKKAEELLKKSEEILKK(NH2)'             XVEENLKKAEEKLKKAEELLKKSEEILKKX             B ? 
# 
loop_
_pdbx_entity_nonpoly.entity_id 
_pdbx_entity_nonpoly.name 
_pdbx_entity_nonpoly.comp_id 
3 '(4S)-2-METHYL-2,4-PENTANEDIOL' MPD 
4 water                           HOH 
# 
loop_
_entity_poly_seq.entity_id 
_entity_poly_seq.num 
_entity_poly_seq.mon_id 
_entity_poly_seq.hetero 
1 1  ACE n 
1 2  GLN n 
1 3  ALA n 
1 4  ILE n 
1 5  ASP n 
1 6  ASN n 
1 7  LEU n 
1 8  ARG n 
1 9  ALA n 
1 10 SER n 
1 11 LEU n 
1 12 GLU n 
1 13 THR n 
1 14 THR n 
1 15 ASN n 
1 16 GLN n 
1 17 ALA n 
1 18 ILE n 
1 19 GLU n 
1 20 ALA n 
1 21 ILE n 
1 22 ARG n 
1 23 GLN n 
1 24 ALA n 
1 25 GLY n 
1 26 GLN n 
1 27 GLU n 
1 28 MET n 
1 29 ILE n 
1 30 LEU n 
1 31 ALA n 
1 32 VAL n 
1 33 GLN n 
1 34 GLY n 
1 35 VAL n 
1 36 GLN n 
1 37 ASP n 
1 38 TYR n 
1 39 ILE n 
1 40 ASN n 
1 41 ASN n 
1 42 NH2 n 
2 1  ACE n 
2 2  VAL n 
2 3  GLU n 
2 4  GLU n 
2 5  ASN n 
2 6  LEU n 
2 7  LYS n 
2 8  LYS n 
2 9  ALA n 
2 10 GLU n 
2 11 GLU n 
2 12 LYS n 
2 13 LEU n 
2 14 LYS n 
2 15 LYS n 
2 16 ALA n 
2 17 GLU n 
2 18 GLU n 
2 19 LEU n 
2 20 LEU n 
2 21 LYS n 
2 22 LYS n 
2 23 SER n 
2 24 GLU n 
2 25 GLU n 
2 26 ILE n 
2 27 LEU n 
2 28 LYS n 
2 29 LYS n 
2 30 NH2 n 
# 
loop_
_pdbx_entity_src_syn.entity_id 
_pdbx_entity_src_syn.pdbx_src_id 
_pdbx_entity_src_syn.pdbx_alt_source_flag 
_pdbx_entity_src_syn.pdbx_beg_seq_num 
_pdbx_entity_src_syn.pdbx_end_seq_num 
_pdbx_entity_src_syn.organism_scientific 
_pdbx_entity_src_syn.organism_common_name 
_pdbx_entity_src_syn.ncbi_taxonomy_id 
_pdbx_entity_src_syn.details 
1 1 sample 1 42 'Measles virus strain Edmonston' ? 11235 ? 
2 1 sample 1 30 'Measles virus strain Edmonston' ? 11235 ? 
# 
loop_
_chem_comp.id 
_chem_comp.type 
_chem_comp.mon_nstd_flag 
_chem_comp.name 
_chem_comp.pdbx_synonyms 
_chem_comp.formula 
_chem_comp.formula_weight 
ACE non-polymer         . 'ACETYL GROUP'                  ? 'C2 H4 O'        44.053  
ALA 'L-peptide linking' y ALANINE                         ? 'C3 H7 N O2'     89.093  
ARG 'L-peptide linking' y ARGININE                        ? 'C6 H15 N4 O2 1' 175.209 
ASN 'L-peptide linking' y ASPARAGINE                      ? 'C4 H8 N2 O3'    132.118 
ASP 'L-peptide linking' y 'ASPARTIC ACID'                 ? 'C4 H7 N O4'     133.103 
GLN 'L-peptide linking' y GLUTAMINE                       ? 'C5 H10 N2 O3'   146.144 
GLU 'L-peptide linking' y 'GLUTAMIC ACID'                 ? 'C5 H9 N O4'     147.129 
GLY 'peptide linking'   y GLYCINE                         ? 'C2 H5 N O2'     75.067  
HOH non-polymer         . WATER                           ? 'H2 O'           18.015  
ILE 'L-peptide linking' y ISOLEUCINE                      ? 'C6 H13 N O2'    131.173 
LEU 'L-peptide linking' y LEUCINE                         ? 'C6 H13 N O2'    131.173 
LYS 'L-peptide linking' y LYSINE                          ? 'C6 H15 N2 O2 1' 147.195 
MET 'L-peptide linking' y METHIONINE                      ? 'C5 H11 N O2 S'  149.211 
MPD non-polymer         . '(4S)-2-METHYL-2,4-PENTANEDIOL' ? 'C6 H14 O2'      118.174 
NH2 non-polymer         . 'AMINO GROUP'                   ? 'H2 N'           16.023  
SER 'L-peptide linking' y SERINE                          ? 'C3 H7 N O3'     105.093 
THR 'L-peptide linking' y THREONINE                       ? 'C4 H9 N O3'     119.119 
TYR 'L-peptide linking' y TYROSINE                        ? 'C9 H11 N O3'    181.189 
VAL 'L-peptide linking' y VALINE                          ? 'C5 H11 N O2'    117.146 
# 
loop_
_pdbx_poly_seq_scheme.asym_id 
_pdbx_poly_seq_scheme.entity_id 
_pdbx_poly_seq_scheme.seq_id 
_pdbx_poly_seq_scheme.mon_id 
_pdbx_poly_seq_scheme.ndb_seq_num 
_pdbx_poly_seq_scheme.pdb_seq_num 
_pdbx_poly_seq_scheme.auth_seq_num 
_pdbx_poly_seq_scheme.pdb_mon_id 
_pdbx_poly_seq_scheme.auth_mon_id 
_pdbx_poly_seq_scheme.pdb_strand_id 
_pdbx_poly_seq_scheme.pdb_ins_code 
_pdbx_poly_seq_scheme.hetero 
A 1 1  ACE 1  144 144 ACE ACE A . n 
A 1 2  GLN 2  145 145 GLN GLN A . n 
A 1 3  ALA 3  146 146 ALA ALA A . n 
A 1 4  ILE 4  147 147 ILE ILE A . n 
A 1 5  ASP 5  148 148 ASP ASP A . n 
A 1 6  ASN 6  149 149 ASN ASN A . n 
A 1 7  LEU 7  150 150 LEU LEU A . n 
A 1 8  ARG 8  151 151 ARG ARG A . n 
A 1 9  ALA 9  152 152 ALA ALA A . n 
A 1 10 SER 10 153 153 SER SER A . n 
A 1 11 LEU 11 154 154 LEU LEU A . n 
A 1 12 GLU 12 155 155 GLU GLU A . n 
A 1 13 THR 13 156 156 THR THR A . n 
A 1 14 THR 14 157 157 THR THR A . n 
A 1 15 ASN 15 158 158 ASN ASN A . n 
A 1 16 GLN 16 159 159 GLN GLN A . n 
A 1 17 ALA 17 160 160 ALA ALA A . n 
A 1 18 ILE 18 161 161 ILE ILE A . n 
A 1 19 GLU 19 162 162 GLU GLU A . n 
A 1 20 ALA 20 163 163 ALA ALA A . n 
A 1 21 ILE 21 164 164 ILE ILE A . n 
A 1 22 ARG 22 165 165 ARG ARG A . n 
A 1 23 GLN 23 166 166 GLN GLN A . n 
A 1 24 ALA 24 167 167 ALA ALA A . n 
A 1 25 GLY 25 168 168 GLY GLY A . n 
A 1 26 GLN 26 169 169 GLN GLN A . n 
A 1 27 GLU 27 170 170 GLU GLU A . n 
A 1 28 MET 28 171 171 MET MET A . n 
A 1 29 ILE 29 172 172 ILE ILE A . n 
A 1 30 LEU 30 173 173 LEU LEU A . n 
A 1 31 ALA 31 174 174 ALA ALA A . n 
A 1 32 VAL 32 175 175 VAL VAL A . n 
A 1 33 GLN 33 176 176 GLN GLN A . n 
A 1 34 GLY 34 177 177 GLY GLY A . n 
A 1 35 VAL 35 178 178 VAL VAL A . n 
A 1 36 GLN 36 179 179 GLN GLN A . n 
A 1 37 ASP 37 180 180 ASP ASP A . n 
A 1 38 TYR 38 181 181 TYR TYR A . n 
A 1 39 ILE 39 182 182 ILE ILE A . n 
A 1 40 ASN 40 183 183 ASN ASN A . n 
A 1 41 ASN 41 184 184 ASN ASN A . n 
A 1 42 NH2 42 185 185 NH2 NH2 A . n 
B 2 1  ACE 1  458 458 ACE ACE B . n 
B 2 2  VAL 2  459 459 VAL VAL B . n 
B 2 3  GLU 3  460 460 GLU GLU B . n 
B 2 4  GLU 4  461 461 GLU GLU B . n 
B 2 5  ASN 5  462 462 ASN ASN B . n 
B 2 6  LEU 6  463 463 LEU LEU B . n 
B 2 7  LYS 7  464 464 LYS LYS B . n 
B 2 8  LYS 8  465 465 LYS LYS B . n 
B 2 9  ALA 9  466 466 ALA ALA B . n 
B 2 10 GLU 10 467 467 GLU GLU B . n 
B 2 11 GLU 11 468 468 GLU GLU B . n 
B 2 12 LYS 12 469 469 LYS LYS B . n 
B 2 13 LEU 13 470 470 LEU LEU B . n 
B 2 14 LYS 14 471 471 LYS LYS B . n 
B 2 15 LYS 15 472 472 LYS LYS B . n 
B 2 16 ALA 16 473 473 ALA ALA B . n 
B 2 17 GLU 17 474 474 GLU GLU B . n 
B 2 18 GLU 18 475 475 GLU GLU B . n 
B 2 19 LEU 19 476 476 LEU LEU B . n 
B 2 20 LEU 20 477 477 LEU LEU B . n 
B 2 21 LYS 21 478 478 LYS LYS B . n 
B 2 22 LYS 22 479 479 LYS LYS B . n 
B 2 23 SER 23 480 480 SER SER B . n 
B 2 24 GLU 24 481 481 GLU GLU B . n 
B 2 25 GLU 25 482 482 GLU GLU B . n 
B 2 26 ILE 26 483 483 ILE ILE B . n 
B 2 27 LEU 27 484 484 LEU LEU B . n 
B 2 28 LYS 28 485 485 LYS LYS B . n 
B 2 29 LYS 29 486 486 LYS LYS B . n 
B 2 30 NH2 30 487 487 NH2 NH2 B . n 
# 
loop_
_pdbx_nonpoly_scheme.asym_id 
_pdbx_nonpoly_scheme.entity_id 
_pdbx_nonpoly_scheme.mon_id 
_pdbx_nonpoly_scheme.ndb_seq_num 
_pdbx_nonpoly_scheme.pdb_seq_num 
_pdbx_nonpoly_scheme.auth_seq_num 
_pdbx_nonpoly_scheme.pdb_mon_id 
_pdbx_nonpoly_scheme.auth_mon_id 
_pdbx_nonpoly_scheme.pdb_strand_id 
_pdbx_nonpoly_scheme.pdb_ins_code 
C 3 MPD 1  501 501 MPD MPD B . 
D 4 HOH 1  201 23  HOH HOH A . 
D 4 HOH 2  202 24  HOH HOH A . 
D 4 HOH 3  203 38  HOH HOH A . 
D 4 HOH 4  204 44  HOH HOH A . 
D 4 HOH 5  205 5   HOH HOH A . 
D 4 HOH 6  206 31  HOH HOH A . 
D 4 HOH 7  207 43  HOH HOH A . 
D 4 HOH 8  208 11  HOH HOH A . 
D 4 HOH 9  209 7   HOH HOH A . 
D 4 HOH 10 210 6   HOH HOH A . 
D 4 HOH 11 211 33  HOH HOH A . 
D 4 HOH 12 212 29  HOH HOH A . 
D 4 HOH 13 213 45  HOH HOH A . 
D 4 HOH 14 214 8   HOH HOH A . 
D 4 HOH 15 215 28  HOH HOH A . 
D 4 HOH 16 216 27  HOH HOH A . 
D 4 HOH 17 217 39  HOH HOH A . 
D 4 HOH 18 218 30  HOH HOH A . 
D 4 HOH 19 219 32  HOH HOH A . 
D 4 HOH 20 220 36  HOH HOH A . 
E 4 HOH 1  601 25  HOH HOH B . 
E 4 HOH 2  602 21  HOH HOH B . 
E 4 HOH 3  603 40  HOH HOH B . 
E 4 HOH 4  604 20  HOH HOH B . 
E 4 HOH 5  605 47  HOH HOH B . 
E 4 HOH 6  606 18  HOH HOH B . 
E 4 HOH 7  607 3   HOH HOH B . 
E 4 HOH 8  608 17  HOH HOH B . 
E 4 HOH 9  609 14  HOH HOH B . 
E 4 HOH 10 610 34  HOH HOH B . 
E 4 HOH 11 611 16  HOH HOH B . 
E 4 HOH 12 612 15  HOH HOH B . 
E 4 HOH 13 613 10  HOH HOH B . 
E 4 HOH 14 614 1   HOH HOH B . 
E 4 HOH 15 615 46  HOH HOH B . 
E 4 HOH 16 616 35  HOH HOH B . 
E 4 HOH 17 617 26  HOH HOH B . 
E 4 HOH 18 618 2   HOH HOH B . 
E 4 HOH 19 619 13  HOH HOH B . 
E 4 HOH 20 620 4   HOH HOH B . 
E 4 HOH 21 621 41  HOH HOH B . 
E 4 HOH 22 622 19  HOH HOH B . 
E 4 HOH 23 623 22  HOH HOH B . 
E 4 HOH 24 624 42  HOH HOH B . 
E 4 HOH 25 625 12  HOH HOH B . 
E 4 HOH 26 626 9   HOH HOH B . 
E 4 HOH 27 627 37  HOH HOH B . 
# 
loop_
_software.citation_id 
_software.classification 
_software.compiler_name 
_software.compiler_version 
_software.contact_author 
_software.contact_author_email 
_software.date 
_software.description 
_software.dependencies 
_software.hardware 
_software.language 
_software.location 
_software.mods 
_software.name 
_software.os 
_software.os_version 
_software.type 
_software.version 
_software.pdbx_ordinal 
? refinement       ? ? ? ? ? ? ? ? ? ? ? REFMAC ? ? ? 5.8.0258 1 
? 'data reduction' ? ? ? ? ? ? ? ? ? ? ? XDS    ? ? ? .        2 
? 'data scaling'   ? ? ? ? ? ? ? ? ? ? ? XDS    ? ? ? .        3 
? phasing          ? ? ? ? ? ? ? ? ? ? ? MOLREP ? ? ? .        4 
# 
_cell.angle_alpha                  90.000 
_cell.angle_alpha_esd              ? 
_cell.angle_beta                   90.000 
_cell.angle_beta_esd               ? 
_cell.angle_gamma                  120.000 
_cell.angle_gamma_esd              ? 
_cell.entry_id                     8XO5 
_cell.details                      ? 
_cell.formula_units_Z              ? 
_cell.length_a                     51.800 
_cell.length_a_esd                 ? 
_cell.length_b                     51.800 
_cell.length_b_esd                 ? 
_cell.length_c                     58.662 
_cell.length_c_esd                 ? 
_cell.volume                       ? 
_cell.volume_esd                   ? 
_cell.Z_PDB                        9 
_cell.reciprocal_angle_alpha       ? 
_cell.reciprocal_angle_beta        ? 
_cell.reciprocal_angle_gamma       ? 
_cell.reciprocal_angle_alpha_esd   ? 
_cell.reciprocal_angle_beta_esd    ? 
_cell.reciprocal_angle_gamma_esd   ? 
_cell.reciprocal_length_a          ? 
_cell.reciprocal_length_b          ? 
_cell.reciprocal_length_c          ? 
_cell.reciprocal_length_a_esd      ? 
_cell.reciprocal_length_b_esd      ? 
_cell.reciprocal_length_c_esd      ? 
_cell.pdbx_unique_axis             ? 
_cell.pdbx_esd_method              ? 
# 
_symmetry.entry_id                         8XO5 
_symmetry.cell_setting                     ? 
_symmetry.Int_Tables_number                146 
_symmetry.space_group_name_Hall            ? 
_symmetry.space_group_name_H-M             'H 3' 
_symmetry.pdbx_full_space_group_name_H-M   ? 
# 
_exptl.absorpt_coefficient_mu     ? 
_exptl.absorpt_correction_T_max   ? 
_exptl.absorpt_correction_T_min   ? 
_exptl.absorpt_correction_type    ? 
_exptl.absorpt_process_details    ? 
_exptl.entry_id                   8XO5 
_exptl.crystals_number            1 
_exptl.details                    ? 
_exptl.method                     'X-RAY DIFFRACTION' 
_exptl.method_details             ? 
# 
_exptl_crystal.colour                       ? 
_exptl_crystal.density_diffrn               ? 
_exptl_crystal.density_Matthews             1.95 
_exptl_crystal.density_method               ? 
_exptl_crystal.density_percent_sol          36.77 
_exptl_crystal.description                  ? 
_exptl_crystal.F_000                        ? 
_exptl_crystal.id                           1 
_exptl_crystal.preparation                  ? 
_exptl_crystal.size_max                     ? 
_exptl_crystal.size_mid                     ? 
_exptl_crystal.size_min                     ? 
_exptl_crystal.size_rad                     ? 
_exptl_crystal.colour_lustre                ? 
_exptl_crystal.colour_modifier              ? 
_exptl_crystal.colour_primary               ? 
_exptl_crystal.density_meas                 ? 
_exptl_crystal.density_meas_esd             ? 
_exptl_crystal.density_meas_gt              ? 
_exptl_crystal.density_meas_lt              ? 
_exptl_crystal.density_meas_temp            ? 
_exptl_crystal.density_meas_temp_esd        ? 
_exptl_crystal.density_meas_temp_gt         ? 
_exptl_crystal.density_meas_temp_lt         ? 
_exptl_crystal.pdbx_crystal_image_url       ? 
_exptl_crystal.pdbx_crystal_image_format    ? 
_exptl_crystal.pdbx_mosaicity               ? 
_exptl_crystal.pdbx_mosaicity_esd           ? 
_exptl_crystal.pdbx_mosaic_method           ? 
_exptl_crystal.pdbx_mosaic_block_size       ? 
_exptl_crystal.pdbx_mosaic_block_size_esd   ? 
# 
_exptl_crystal_grow.apparatus       ? 
_exptl_crystal_grow.atmosphere      ? 
_exptl_crystal_grow.crystal_id      1 
_exptl_crystal_grow.details         ? 
_exptl_crystal_grow.method          'VAPOR DIFFUSION, SITTING DROP' 
_exptl_crystal_grow.method_ref      ? 
_exptl_crystal_grow.pH              6.0 
_exptl_crystal_grow.pressure        ? 
_exptl_crystal_grow.pressure_esd    ? 
_exptl_crystal_grow.seeding         ? 
_exptl_crystal_grow.seeding_ref     ? 
_exptl_crystal_grow.temp_details    ? 
_exptl_crystal_grow.temp_esd        ? 
_exptl_crystal_grow.time            ? 
_exptl_crystal_grow.pdbx_details    '200 mM Ammonium Acetate, 40% (v/v) MPD, 100 mM MES buffer (pH 6.0)' 
_exptl_crystal_grow.pdbx_pH_range   ? 
_exptl_crystal_grow.temp            293 
# 
_diffrn.ambient_environment              ? 
_diffrn.ambient_temp                     100 
_diffrn.ambient_temp_details             ? 
_diffrn.ambient_temp_esd                 ? 
_diffrn.crystal_id                       1 
_diffrn.crystal_support                  ? 
_diffrn.crystal_treatment                ? 
_diffrn.details                          ? 
_diffrn.id                               1 
_diffrn.ambient_pressure                 ? 
_diffrn.ambient_pressure_esd             ? 
_diffrn.ambient_pressure_gt              ? 
_diffrn.ambient_pressure_lt              ? 
_diffrn.ambient_temp_gt                  ? 
_diffrn.ambient_temp_lt                  ? 
_diffrn.pdbx_serial_crystal_experiment   N 
# 
_diffrn_detector.details                      ? 
_diffrn_detector.detector                     PIXEL 
_diffrn_detector.diffrn_id                    1 
_diffrn_detector.type                         'DECTRIS PILATUS3 6M' 
_diffrn_detector.area_resol_mean              ? 
_diffrn_detector.dtime                        ? 
_diffrn_detector.pdbx_frames_total            ? 
_diffrn_detector.pdbx_collection_time_total   ? 
_diffrn_detector.pdbx_collection_date         2019-07-18 
_diffrn_detector.pdbx_frequency               ? 
_diffrn_detector.id                           ? 
_diffrn_detector.number_of_axes               ? 
# 
_diffrn_radiation.collimation                      ? 
_diffrn_radiation.diffrn_id                        1 
_diffrn_radiation.filter_edge                      ? 
_diffrn_radiation.inhomogeneity                    ? 
_diffrn_radiation.monochromator                    ? 
_diffrn_radiation.polarisn_norm                    ? 
_diffrn_radiation.polarisn_ratio                   ? 
_diffrn_radiation.probe                            ? 
_diffrn_radiation.type                             ? 
_diffrn_radiation.xray_symbol                      ? 
_diffrn_radiation.wavelength_id                    1 
_diffrn_radiation.pdbx_monochromatic_or_laue_m_l   M 
_diffrn_radiation.pdbx_wavelength_list             ? 
_diffrn_radiation.pdbx_wavelength                  ? 
_diffrn_radiation.pdbx_diffrn_protocol             'SINGLE WAVELENGTH' 
_diffrn_radiation.pdbx_analyzer                    ? 
_diffrn_radiation.pdbx_scattering_type             x-ray 
# 
_diffrn_radiation_wavelength.id           1 
_diffrn_radiation_wavelength.wavelength   1.000000 
_diffrn_radiation_wavelength.wt           1.0 
# 
_diffrn_source.current                     ? 
_diffrn_source.details                     ? 
_diffrn_source.diffrn_id                   1 
_diffrn_source.power                       ? 
_diffrn_source.size                        ? 
_diffrn_source.source                      SYNCHROTRON 
_diffrn_source.target                      ? 
_diffrn_source.type                        'SPRING-8 BEAMLINE BL45XU' 
_diffrn_source.voltage                     ? 
_diffrn_source.take-off_angle              ? 
_diffrn_source.pdbx_wavelength_list        1.000000 
_diffrn_source.pdbx_wavelength             ? 
_diffrn_source.pdbx_synchrotron_beamline   BL45XU 
_diffrn_source.pdbx_synchrotron_site       SPring-8 
# 
_reflns.B_iso_Wilson_estimate                          ? 
_reflns.entry_id                                       8XO5 
_reflns.data_reduction_details                         ? 
_reflns.data_reduction_method                          ? 
_reflns.d_resolution_high                              1.205 
_reflns.d_resolution_low                               50 
_reflns.details                                        ? 
_reflns.limit_h_max                                    ? 
_reflns.limit_h_min                                    ? 
_reflns.limit_k_max                                    ? 
_reflns.limit_k_min                                    ? 
_reflns.limit_l_max                                    ? 
_reflns.limit_l_min                                    ? 
_reflns.number_all                                     ? 
_reflns.number_obs                                     18126 
_reflns.observed_criterion                             ? 
_reflns.observed_criterion_F_max                       ? 
_reflns.observed_criterion_F_min                       ? 
_reflns.observed_criterion_I_max                       ? 
_reflns.observed_criterion_I_min                       ? 
_reflns.observed_criterion_sigma_F                     ? 
_reflns.observed_criterion_sigma_I                     ? 
_reflns.percent_possible_obs                           99.8 
_reflns.R_free_details                                 ? 
_reflns.Rmerge_F_all                                   ? 
_reflns.Rmerge_F_obs                                   ? 
_reflns.Friedel_coverage                               ? 
_reflns.number_gt                                      ? 
_reflns.threshold_expression                           ? 
_reflns.pdbx_redundancy                                5.04 
_reflns.pdbx_netI_over_av_sigmaI                       ? 
_reflns.pdbx_netI_over_sigmaI                          10.98 
_reflns.pdbx_res_netI_over_av_sigmaI_2                 ? 
_reflns.pdbx_res_netI_over_sigmaI_2                    ? 
_reflns.pdbx_chi_squared                               ? 
_reflns.pdbx_scaling_rejects                           ? 
_reflns.pdbx_d_res_high_opt                            ? 
_reflns.pdbx_d_res_low_opt                             ? 
_reflns.pdbx_d_res_opt_method                          ? 
_reflns.phase_calculation_details                      ? 
_reflns.pdbx_Rrim_I_all                                0.092 
_reflns.pdbx_Rpim_I_all                                ? 
_reflns.pdbx_d_opt                                     ? 
_reflns.pdbx_number_measured_all                       ? 
_reflns.pdbx_diffrn_id                                 1 
_reflns.pdbx_ordinal                                   1 
_reflns.pdbx_CC_half                                   0.993 
_reflns.pdbx_CC_star                                   ? 
_reflns.pdbx_R_split                                   ? 
_reflns.pdbx_Rmerge_I_obs                              ? 
_reflns.pdbx_Rmerge_I_all                              ? 
_reflns.pdbx_Rsym_value                                ? 
_reflns.pdbx_CC_split_method                           ? 
_reflns.pdbx_aniso_diffraction_limit_axis_1_ortho[1]   ? 
_reflns.pdbx_aniso_diffraction_limit_axis_1_ortho[2]   ? 
_reflns.pdbx_aniso_diffraction_limit_axis_1_ortho[3]   ? 
_reflns.pdbx_aniso_diffraction_limit_axis_2_ortho[1]   ? 
_reflns.pdbx_aniso_diffraction_limit_axis_2_ortho[2]   ? 
_reflns.pdbx_aniso_diffraction_limit_axis_2_ortho[3]   ? 
_reflns.pdbx_aniso_diffraction_limit_axis_3_ortho[1]   ? 
_reflns.pdbx_aniso_diffraction_limit_axis_3_ortho[2]   ? 
_reflns.pdbx_aniso_diffraction_limit_axis_3_ortho[3]   ? 
_reflns.pdbx_aniso_diffraction_limit_1                 ? 
_reflns.pdbx_aniso_diffraction_limit_2                 ? 
_reflns.pdbx_aniso_diffraction_limit_3                 ? 
_reflns.pdbx_aniso_B_tensor_eigenvector_1_ortho[1]     ? 
_reflns.pdbx_aniso_B_tensor_eigenvector_1_ortho[2]     ? 
_reflns.pdbx_aniso_B_tensor_eigenvector_1_ortho[3]     ? 
_reflns.pdbx_aniso_B_tensor_eigenvector_2_ortho[1]     ? 
_reflns.pdbx_aniso_B_tensor_eigenvector_2_ortho[2]     ? 
_reflns.pdbx_aniso_B_tensor_eigenvector_2_ortho[3]     ? 
_reflns.pdbx_aniso_B_tensor_eigenvector_3_ortho[1]     ? 
_reflns.pdbx_aniso_B_tensor_eigenvector_3_ortho[2]     ? 
_reflns.pdbx_aniso_B_tensor_eigenvector_3_ortho[3]     ? 
_reflns.pdbx_aniso_B_tensor_eigenvalue_1               ? 
_reflns.pdbx_aniso_B_tensor_eigenvalue_2               ? 
_reflns.pdbx_aniso_B_tensor_eigenvalue_3               ? 
_reflns.pdbx_orthogonalization_convention              ? 
_reflns.pdbx_percent_possible_ellipsoidal              ? 
_reflns.pdbx_percent_possible_spherical                ? 
_reflns.pdbx_percent_possible_ellipsoidal_anomalous    ? 
_reflns.pdbx_percent_possible_spherical_anomalous      ? 
_reflns.pdbx_redundancy_anomalous                      ? 
_reflns.pdbx_CC_half_anomalous                         ? 
_reflns.pdbx_absDiff_over_sigma_anomalous              ? 
_reflns.pdbx_percent_possible_anomalous                ? 
_reflns.pdbx_observed_signal_threshold                 ? 
_reflns.pdbx_signal_type                               ? 
_reflns.pdbx_signal_details                            ? 
_reflns.pdbx_signal_software_id                        ? 
# 
_reflns_shell.d_res_high                                    1.205 
_reflns_shell.d_res_low                                     1.28 
_reflns_shell.meanI_over_sigI_all                           ? 
_reflns_shell.meanI_over_sigI_obs                           2.72 
_reflns_shell.number_measured_all                           ? 
_reflns_shell.number_measured_obs                           ? 
_reflns_shell.number_possible                               ? 
_reflns_shell.number_unique_all                             ? 
_reflns_shell.number_unique_obs                             2915 
_reflns_shell.percent_possible_obs                          ? 
_reflns_shell.Rmerge_F_all                                  ? 
_reflns_shell.Rmerge_F_obs                                  ? 
_reflns_shell.meanI_over_sigI_gt                            ? 
_reflns_shell.meanI_over_uI_all                             ? 
_reflns_shell.meanI_over_uI_gt                              ? 
_reflns_shell.number_measured_gt                            ? 
_reflns_shell.number_unique_gt                              ? 
_reflns_shell.percent_possible_gt                           ? 
_reflns_shell.Rmerge_F_gt                                   ? 
_reflns_shell.Rmerge_I_gt                                   ? 
_reflns_shell.pdbx_redundancy                               4.87 
_reflns_shell.pdbx_chi_squared                              ? 
_reflns_shell.pdbx_netI_over_sigmaI_all                     ? 
_reflns_shell.pdbx_netI_over_sigmaI_obs                     ? 
_reflns_shell.pdbx_Rrim_I_all                               0.541 
_reflns_shell.pdbx_Rpim_I_all                               ? 
_reflns_shell.pdbx_rejects                                  ? 
_reflns_shell.pdbx_ordinal                                  1 
_reflns_shell.pdbx_diffrn_id                                1 
_reflns_shell.pdbx_CC_half                                  0.969 
_reflns_shell.pdbx_CC_star                                  ? 
_reflns_shell.pdbx_R_split                                  ? 
_reflns_shell.percent_possible_all                          99.1 
_reflns_shell.Rmerge_I_all                                  ? 
_reflns_shell.Rmerge_I_obs                                  ? 
_reflns_shell.pdbx_Rsym_value                               ? 
_reflns_shell.pdbx_percent_possible_ellipsoidal             ? 
_reflns_shell.pdbx_percent_possible_spherical               ? 
_reflns_shell.pdbx_percent_possible_ellipsoidal_anomalous   ? 
_reflns_shell.pdbx_percent_possible_spherical_anomalous     ? 
_reflns_shell.pdbx_redundancy_anomalous                     ? 
_reflns_shell.pdbx_CC_half_anomalous                        ? 
_reflns_shell.pdbx_absDiff_over_sigma_anomalous             ? 
_reflns_shell.pdbx_percent_possible_anomalous               ? 
# 
_refine.aniso_B[1][1]                            0.718 
_refine.aniso_B[1][2]                            0.359 
_refine.aniso_B[1][3]                            -0.000 
_refine.aniso_B[2][2]                            0.718 
_refine.aniso_B[2][3]                            -0.000 
_refine.aniso_B[3][3]                            -2.330 
_refine.B_iso_max                                ? 
_refine.B_iso_mean                               26.999 
_refine.B_iso_min                                ? 
_refine.correlation_coeff_Fo_to_Fc               0.973 
_refine.correlation_coeff_Fo_to_Fc_free          0.959 
_refine.details                                  'Hydrogens have been added in their riding positions' 
_refine.diff_density_max                         ? 
_refine.diff_density_max_esd                     ? 
_refine.diff_density_min                         ? 
_refine.diff_density_min_esd                     ? 
_refine.diff_density_rms                         ? 
_refine.diff_density_rms_esd                     ? 
_refine.entry_id                                 8XO5 
_refine.pdbx_refine_id                           'X-RAY DIFFRACTION' 
_refine.ls_abs_structure_details                 ? 
_refine.ls_abs_structure_Flack                   ? 
_refine.ls_abs_structure_Flack_esd               ? 
_refine.ls_abs_structure_Rogers                  ? 
_refine.ls_abs_structure_Rogers_esd              ? 
_refine.ls_d_res_high                            1.205 
_refine.ls_d_res_low                             35.635 
_refine.ls_extinction_coef                       ? 
_refine.ls_extinction_coef_esd                   ? 
_refine.ls_extinction_expression                 ? 
_refine.ls_extinction_method                     ? 
_refine.ls_goodness_of_fit_all                   ? 
_refine.ls_goodness_of_fit_all_esd               ? 
_refine.ls_goodness_of_fit_obs                   ? 
_refine.ls_goodness_of_fit_obs_esd               ? 
_refine.ls_hydrogen_treatment                    ? 
_refine.ls_matrix_type                           ? 
_refine.ls_number_constraints                    ? 
_refine.ls_number_parameters                     ? 
_refine.ls_number_reflns_all                     ? 
_refine.ls_number_reflns_obs                     18108 
_refine.ls_number_reflns_R_free                  906 
_refine.ls_number_reflns_R_work                  17202 
_refine.ls_number_restraints                     ? 
_refine.ls_percent_reflns_obs                    99.719 
_refine.ls_percent_reflns_R_free                 5.003 
_refine.ls_R_factor_all                          0.197 
_refine.ls_R_factor_obs                          ? 
_refine.ls_R_factor_R_free                       0.2310 
_refine.ls_R_factor_R_free_error                 ? 
_refine.ls_R_factor_R_free_error_details         ? 
_refine.ls_R_factor_R_work                       0.1952 
_refine.ls_R_Fsqd_factor_obs                     ? 
_refine.ls_R_I_factor_obs                        ? 
_refine.ls_redundancy_reflns_all                 ? 
_refine.ls_redundancy_reflns_obs                 ? 
_refine.ls_restrained_S_all                      ? 
_refine.ls_restrained_S_obs                      ? 
_refine.ls_shift_over_esd_max                    ? 
_refine.ls_shift_over_esd_mean                   ? 
_refine.ls_structure_factor_coef                 ? 
_refine.ls_weighting_details                     ? 
_refine.ls_weighting_scheme                      ? 
_refine.ls_wR_factor_all                         ? 
_refine.ls_wR_factor_obs                         ? 
_refine.ls_wR_factor_R_free                      ? 
_refine.ls_wR_factor_R_work                      ? 
_refine.occupancy_max                            ? 
_refine.occupancy_min                            ? 
_refine.solvent_model_details                    'MASK BULK SOLVENT' 
_refine.solvent_model_param_bsol                 ? 
_refine.solvent_model_param_ksol                 ? 
_refine.pdbx_R_complete                          ? 
_refine.ls_R_factor_gt                           ? 
_refine.ls_goodness_of_fit_gt                    ? 
_refine.ls_goodness_of_fit_ref                   ? 
_refine.ls_shift_over_su_max                     ? 
_refine.ls_shift_over_su_max_lt                  ? 
_refine.ls_shift_over_su_mean                    ? 
_refine.ls_shift_over_su_mean_lt                 ? 
_refine.pdbx_ls_sigma_I                          ? 
_refine.pdbx_ls_sigma_F                          ? 
_refine.pdbx_ls_sigma_Fsqd                       ? 
_refine.pdbx_data_cutoff_high_absF               ? 
_refine.pdbx_data_cutoff_high_rms_absF           ? 
_refine.pdbx_data_cutoff_low_absF                ? 
_refine.pdbx_isotropic_thermal_model             ? 
_refine.pdbx_ls_cross_valid_method               'FREE R-VALUE' 
_refine.pdbx_method_to_determine_struct          'MOLECULAR REPLACEMENT' 
_refine.pdbx_starting_model                      ? 
_refine.pdbx_stereochemistry_target_values       ? 
_refine.pdbx_R_Free_selection_details            ? 
_refine.pdbx_stereochem_target_val_spec_case     ? 
_refine.pdbx_overall_ESU_R                       0.052 
_refine.pdbx_overall_ESU_R_Free                  0.057 
_refine.pdbx_solvent_vdw_probe_radii             1.200 
_refine.pdbx_solvent_ion_probe_radii             0.800 
_refine.pdbx_solvent_shrinkage_radii             0.800 
_refine.pdbx_real_space_R                        ? 
_refine.pdbx_density_correlation                 ? 
_refine.pdbx_pd_number_of_powder_patterns        ? 
_refine.pdbx_pd_number_of_points                 ? 
_refine.pdbx_pd_meas_number_of_points            ? 
_refine.pdbx_pd_proc_ls_prof_R_factor            ? 
_refine.pdbx_pd_proc_ls_prof_wR_factor           ? 
_refine.pdbx_pd_Marquardt_correlation_coeff      ? 
_refine.pdbx_pd_Fsqrd_R_factor                   ? 
_refine.pdbx_pd_ls_matrix_band_width             ? 
_refine.pdbx_overall_phase_error                 ? 
_refine.pdbx_overall_SU_R_free_Cruickshank_DPI   ? 
_refine.pdbx_overall_SU_R_free_Blow_DPI          ? 
_refine.pdbx_overall_SU_R_Blow_DPI               ? 
_refine.pdbx_TLS_residual_ADP_flag               ? 
_refine.pdbx_diffrn_id                           1 
_refine.overall_SU_B                             1.183 
_refine.overall_SU_ML                            0.051 
_refine.overall_SU_R_Cruickshank_DPI             ? 
_refine.overall_SU_R_free                        ? 
_refine.overall_FOM_free_R_set                   ? 
_refine.overall_FOM_work_R_set                   ? 
_refine.pdbx_average_fsc_overall                 ? 
_refine.pdbx_average_fsc_work                    ? 
_refine.pdbx_average_fsc_free                    ? 
# 
_refine_hist.pdbx_refine_id                   'X-RAY DIFFRACTION' 
_refine_hist.cycle_id                         LAST 
_refine_hist.pdbx_number_atoms_protein        547 
_refine_hist.pdbx_number_atoms_nucleic_acid   0 
_refine_hist.pdbx_number_atoms_ligand         8 
_refine_hist.number_atoms_solvent             47 
_refine_hist.number_atoms_total               602 
_refine_hist.d_res_high                       1.205 
_refine_hist.d_res_low                        35.635 
# 
loop_
_refine_ls_restr.pdbx_refine_id 
_refine_ls_restr.criterion 
_refine_ls_restr.dev_ideal 
_refine_ls_restr.dev_ideal_target 
_refine_ls_restr.number 
_refine_ls_restr.rejects 
_refine_ls_restr.type 
_refine_ls_restr.weight 
_refine_ls_restr.pdbx_restraint_function 
'X-RAY DIFFRACTION' ? 0.012  0.013  655  ? r_bond_refined_d               ? ? 
'X-RAY DIFFRACTION' ? 0.001  0.017  672  ? r_bond_other_d                 ? ? 
'X-RAY DIFFRACTION' ? 1.734  1.666  893  ? r_angle_refined_deg            ? ? 
'X-RAY DIFFRACTION' ? 1.440  1.593  1601 ? r_angle_other_deg              ? ? 
'X-RAY DIFFRACTION' ? 2.839  5.000  92   ? r_dihedral_angle_1_deg         ? ? 
'X-RAY DIFFRACTION' ? 33.692 26.410 39   ? r_dihedral_angle_2_deg         ? ? 
'X-RAY DIFFRACTION' ? 15.570 15.000 163  ? r_dihedral_angle_3_deg         ? ? 
'X-RAY DIFFRACTION' ? 12.154 15.000 2    ? r_dihedral_angle_4_deg         ? ? 
'X-RAY DIFFRACTION' ? 0.088  0.200  90   ? r_chiral_restr                 ? ? 
'X-RAY DIFFRACTION' ? 0.008  0.020  737  ? r_gen_planes_refined           ? ? 
'X-RAY DIFFRACTION' ? 0.001  0.020  97   ? r_gen_planes_other             ? ? 
'X-RAY DIFFRACTION' ? 0.217  0.200  152  ? r_nbd_refined                  ? ? 
'X-RAY DIFFRACTION' ? 0.148  0.200  548  ? r_symmetry_nbd_other           ? ? 
'X-RAY DIFFRACTION' ? 0.161  0.200  302  ? r_nbtor_refined                ? ? 
'X-RAY DIFFRACTION' ? 0.089  0.200  299  ? r_symmetry_nbtor_other         ? ? 
'X-RAY DIFFRACTION' ? 0.172  0.200  32   ? r_xyhbond_nbd_refined          ? ? 
'X-RAY DIFFRACTION' ? 0.247  0.200  18   ? r_symmetry_nbd_refined         ? ? 
'X-RAY DIFFRACTION' ? 0.201  0.200  54   ? r_nbd_other                    ? ? 
'X-RAY DIFFRACTION' ? 0.188  0.200  11   ? r_symmetry_xyhbond_nbd_refined ? ? 
'X-RAY DIFFRACTION' ? 2.003  2.503  306  ? r_mcbond_it                    ? ? 
'X-RAY DIFFRACTION' ? 1.968  2.491  304  ? r_mcbond_other                 ? ? 
'X-RAY DIFFRACTION' ? 2.958  3.735  387  ? r_mcangle_it                   ? ? 
'X-RAY DIFFRACTION' ? 2.974  3.733  387  ? r_mcangle_other                ? ? 
'X-RAY DIFFRACTION' ? 3.509  3.068  349  ? r_scbond_it                    ? ? 
'X-RAY DIFFRACTION' ? 3.504  3.069  350  ? r_scbond_other                 ? ? 
'X-RAY DIFFRACTION' ? 5.366  4.446  492  ? r_scangle_it                   ? ? 
'X-RAY DIFFRACTION' ? 5.361  4.448  493  ? r_scangle_other                ? ? 
'X-RAY DIFFRACTION' ? 6.732  31.478 758  ? r_lrange_it                    ? ? 
'X-RAY DIFFRACTION' ? 6.728  31.500 759  ? r_lrange_other                 ? ? 
# 
loop_
_refine_ls_shell.pdbx_refine_id 
_refine_ls_shell.d_res_high 
_refine_ls_shell.d_res_low 
_refine_ls_shell.number_reflns_all 
_refine_ls_shell.number_reflns_obs 
_refine_ls_shell.number_reflns_R_free 
_refine_ls_shell.number_reflns_R_work 
_refine_ls_shell.percent_reflns_obs 
_refine_ls_shell.percent_reflns_R_free 
_refine_ls_shell.R_factor_all 
_refine_ls_shell.R_factor_obs 
_refine_ls_shell.R_factor_R_free_error 
_refine_ls_shell.R_factor_R_work 
_refine_ls_shell.redundancy_reflns_all 
_refine_ls_shell.redundancy_reflns_obs 
_refine_ls_shell.wR_factor_all 
_refine_ls_shell.wR_factor_obs 
_refine_ls_shell.wR_factor_R_free 
_refine_ls_shell.wR_factor_R_work 
_refine_ls_shell.pdbx_R_complete 
_refine_ls_shell.pdbx_total_number_of_bins_used 
_refine_ls_shell.pdbx_phase_error 
_refine_ls_shell.pdbx_fsc_work 
_refine_ls_shell.pdbx_fsc_free 
_refine_ls_shell.R_factor_R_free 
'X-RAY DIFFRACTION' 1.205 1.236  1373 . 67 1277 97.8878  . 0.360 . . 0.362 . . . . . 0.340 . 20 . 0.628 0.651 0.339 
'X-RAY DIFFRACTION' 1.236 1.270  1284 . 64 1217 99.7664  . 0.338 . . 0.337 . . . . . 0.312 . 20 . 0.745 0.769 0.359 
'X-RAY DIFFRACTION' 1.270 1.307  1272 . 64 1208 100.0000 . 0.356 . . 0.353 . . . . . 0.329 . 20 . 0.800 0.828 0.404 
'X-RAY DIFFRACTION' 1.307 1.347  1219 . 61 1155 99.7539  . 0.294 . . 0.293 . . . . . 0.274 . 20 . 0.831 0.822 0.300 
'X-RAY DIFFRACTION' 1.347 1.391  1191 . 59 1132 100.0000 . 0.273 . . 0.271 . . . . . 0.247 . 20 . 0.848 0.842 0.304 
'X-RAY DIFFRACTION' 1.391 1.440  1169 . 59 1110 100.0000 . 0.275 . . 0.275 . . . . . 0.257 . 20 . 0.858 0.841 0.277 
'X-RAY DIFFRACTION' 1.440 1.494  1139 . 56 1075 99.2976  . 0.271 . . 0.265 . . . . . 0.263 . 20 . 0.879 0.807 0.393 
'X-RAY DIFFRACTION' 1.494 1.555  1066 . 53 1007 99.4371  . 0.238 . . 0.238 . . . . . 0.237 . 20 . 0.903 0.888 0.248 
'X-RAY DIFFRACTION' 1.555 1.624  1037 . 52 984  99.9036  . 0.213 . . 0.213 . . . . . 0.220 . 20 . 0.928 0.923 0.208 
'X-RAY DIFFRACTION' 1.624 1.703  991  . 50 941  100.0000 . 0.220 . . 0.217 . . . . . 0.224 . 20 . 0.919 0.907 0.282 
'X-RAY DIFFRACTION' 1.703 1.795  933  . 46 887  100.0000 . 0.218 . . 0.216 . . . . . 0.235 . 20 . 0.920 0.917 0.250 
'X-RAY DIFFRACTION' 1.795 1.903  875  . 44 830  99.8857  . 0.194 . . 0.193 . . . . . 0.226 . 20 . 0.937 0.932 0.201 
'X-RAY DIFFRACTION' 1.903 2.034  830  . 42 788  100.0000 . 0.199 . . 0.199 . . . . . 0.229 . 20 . 0.940 0.950 0.207 
'X-RAY DIFFRACTION' 2.034 2.197  782  . 39 743  100.0000 . 0.189 . . 0.187 . . . . . 0.232 . 20 . 0.948 0.931 0.247 
'X-RAY DIFFRACTION' 2.197 2.405  707  . 35 672  100.0000 . 0.176 . . 0.176 . . . . . 0.221 . 20 . 0.947 0.958 0.181 
'X-RAY DIFFRACTION' 2.405 2.688  648  . 32 616  100.0000 . 0.169 . . 0.166 . . . . . 0.222 . 20 . 0.949 0.922 0.229 
'X-RAY DIFFRACTION' 2.688 3.101  580  . 29 551  100.0000 . 0.181 . . 0.179 . . . . . 0.242 . 20 . 0.940 0.929 0.223 
'X-RAY DIFFRACTION' 3.101 3.790  479  . 24 455  100.0000 . 0.165 . . 0.162 . . . . . 0.237 . 20 . 0.955 0.937 0.215 
'X-RAY DIFFRACTION' 3.790 5.330  371  . 19 352  100.0000 . 0.145 . . 0.141 . . . . . 0.217 . 20 . 0.965 0.945 0.214 
'X-RAY DIFFRACTION' 5.330 35.635 213  . 11 202  100.0000 . 0.268 . . 0.271 . . . . . 0.508 . 20 . 0.931 0.931 0.225 
# 
_struct.entry_id                     8XO5 
_struct.title                        
'Crystal structure of measles virus fusion inhibitor MEK28 complexed with F protein HR1 (HR1-40) (H3 space group)' 
_struct.pdbx_model_details           ? 
_struct.pdbx_formula_weight          ? 
_struct.pdbx_formula_weight_method   ? 
_struct.pdbx_model_type_details      ? 
_struct.pdbx_CASP_flag               N 
# 
_struct_keywords.entry_id        8XO5 
_struct_keywords.text            'Fusion protein, fusion inhibitor, six-helix bundle, ANTIVIRAL PROTEIN' 
_struct_keywords.pdbx_keywords   'ANTIVIRAL PROTEIN' 
# 
loop_
_struct_asym.id 
_struct_asym.pdbx_blank_PDB_chainid_flag 
_struct_asym.pdbx_modified 
_struct_asym.entity_id 
_struct_asym.details 
A N N 1 ? 
B N N 2 ? 
C N N 3 ? 
D N N 4 ? 
E N N 4 ? 
# 
loop_
_struct_ref.id 
_struct_ref.db_name 
_struct_ref.db_code 
_struct_ref.pdbx_db_accession 
_struct_ref.pdbx_db_isoform 
_struct_ref.entity_id 
_struct_ref.pdbx_seq_one_letter_code 
_struct_ref.pdbx_align_begin 
1 UNP FUS_MEASE P69353 ? 1 QAIDNLRASLETTNQAIEAIRQAGQEMILAVQGVQDYINN 0 
2 PDB 8XO5      8XO5   ? 2 ?                                        1 
# 
loop_
_struct_ref_seq.align_id 
_struct_ref_seq.ref_id 
_struct_ref_seq.pdbx_PDB_id_code 
_struct_ref_seq.pdbx_strand_id 
_struct_ref_seq.seq_align_beg 
_struct_ref_seq.pdbx_seq_align_beg_ins_code 
_struct_ref_seq.seq_align_end 
_struct_ref_seq.pdbx_seq_align_end_ins_code 
_struct_ref_seq.pdbx_db_accession 
_struct_ref_seq.db_align_beg 
_struct_ref_seq.pdbx_db_align_beg_ins_code 
_struct_ref_seq.db_align_end 
_struct_ref_seq.pdbx_db_align_end_ins_code 
_struct_ref_seq.pdbx_auth_seq_align_beg 
_struct_ref_seq.pdbx_auth_seq_align_end 
1 1 8XO5 A 2 ? 41 ? P69353 145 ? 184 ? 145 184 
2 2 8XO5 B 1 ? 30 ? 8XO5   458 ? 487 ? 458 487 
# 
loop_
_struct_ref_seq_dif.align_id 
_struct_ref_seq_dif.pdbx_pdb_id_code 
_struct_ref_seq_dif.mon_id 
_struct_ref_seq_dif.pdbx_pdb_strand_id 
_struct_ref_seq_dif.seq_num 
_struct_ref_seq_dif.pdbx_pdb_ins_code 
_struct_ref_seq_dif.pdbx_seq_db_name 
_struct_ref_seq_dif.pdbx_seq_db_accession_code 
_struct_ref_seq_dif.db_mon_id 
_struct_ref_seq_dif.pdbx_seq_db_seq_num 
_struct_ref_seq_dif.details 
_struct_ref_seq_dif.pdbx_auth_seq_num 
_struct_ref_seq_dif.pdbx_ordinal 
1 8XO5 ACE A 1  ? UNP P69353 ? ? acetylation 144 1 
1 8XO5 NH2 A 42 ? UNP P69353 ? ? amidation   185 2 
# 
_pdbx_struct_assembly.id                   1 
_pdbx_struct_assembly.details              author_and_software_defined_assembly 
_pdbx_struct_assembly.method_details       PISA 
_pdbx_struct_assembly.oligomeric_details   hexameric 
_pdbx_struct_assembly.oligomeric_count     6 
# 
loop_
_pdbx_struct_assembly_prop.biol_id 
_pdbx_struct_assembly_prop.type 
_pdbx_struct_assembly_prop.value 
_pdbx_struct_assembly_prop.details 
1 'ABSA (A^2)' 13140 ? 
1 MORE         -132  ? 
1 'SSA (A^2)'  10150 ? 
# 
_pdbx_struct_assembly_gen.assembly_id       1 
_pdbx_struct_assembly_gen.oper_expression   1,2,3 
_pdbx_struct_assembly_gen.asym_id_list      A,B,C,D,E 
# 
_pdbx_struct_assembly_auth_evidence.id                     1 
_pdbx_struct_assembly_auth_evidence.assembly_id            1 
_pdbx_struct_assembly_auth_evidence.experimental_support   'gel filtration' 
_pdbx_struct_assembly_auth_evidence.details                ? 
# 
loop_
_pdbx_struct_oper_list.id 
_pdbx_struct_oper_list.type 
_pdbx_struct_oper_list.name 
_pdbx_struct_oper_list.symmetry_operation 
_pdbx_struct_oper_list.matrix[1][1] 
_pdbx_struct_oper_list.matrix[1][2] 
_pdbx_struct_oper_list.matrix[1][3] 
_pdbx_struct_oper_list.vector[1] 
_pdbx_struct_oper_list.matrix[2][1] 
_pdbx_struct_oper_list.matrix[2][2] 
_pdbx_struct_oper_list.matrix[2][3] 
_pdbx_struct_oper_list.vector[2] 
_pdbx_struct_oper_list.matrix[3][1] 
_pdbx_struct_oper_list.matrix[3][2] 
_pdbx_struct_oper_list.matrix[3][3] 
_pdbx_struct_oper_list.vector[3] 
1 'identity operation'         1_555 x,y,z     1.0000000000  0.0000000000  0.0000000000 0.0000000000  0.0000000000  1.0000000000  0.0000000000  0.0000000000  0.0000000000 0.0000000000  1.0000000000 0.0000000000 
2 'crystal symmetry operation' 2_555 -y,x-y,z  -0.1625425272 0.4780609798  0.8631556212 -9.2960509236 -0.9395286226 -0.3422376132 0.0126247131  3.9981019282  0.3014397024 -0.8089073592 0.5047801404 6.9715533046 
3 'crystal symmetry operation' 3_555 -x+y,-x,z -0.1625425272 -0.9395286226 0.3014397024 0.1438246349  0.4780609798  -0.3422376132 -0.8089073592 11.4517208469 0.8631556212 0.0126247131  0.5047801404 4.4543620644 
# 
loop_
_struct_conf.conf_type_id 
_struct_conf.id 
_struct_conf.pdbx_PDB_helix_id 
_struct_conf.beg_label_comp_id 
_struct_conf.beg_label_asym_id 
_struct_conf.beg_label_seq_id 
_struct_conf.pdbx_beg_PDB_ins_code 
_struct_conf.end_label_comp_id 
_struct_conf.end_label_asym_id 
_struct_conf.end_label_seq_id 
_struct_conf.pdbx_end_PDB_ins_code 
_struct_conf.beg_auth_comp_id 
_struct_conf.beg_auth_asym_id 
_struct_conf.beg_auth_seq_id 
_struct_conf.end_auth_comp_id 
_struct_conf.end_auth_asym_id 
_struct_conf.end_auth_seq_id 
_struct_conf.pdbx_PDB_helix_class 
_struct_conf.details 
_struct_conf.pdbx_PDB_helix_length 
HELX_P HELX_P1 AA1 GLN A 2 ? ASN A 40 ? GLN A 145 ASN A 183 1 ? 39 
HELX_P HELX_P2 AA2 VAL B 2 ? LYS B 29 ? VAL B 459 LYS B 486 1 ? 28 
# 
_struct_conf_type.id          HELX_P 
_struct_conf_type.criteria    ? 
_struct_conf_type.reference   ? 
# 
loop_
_struct_conn.id 
_struct_conn.conn_type_id 
_struct_conn.pdbx_leaving_atom_flag 
_struct_conn.pdbx_PDB_id 
_struct_conn.ptnr1_label_asym_id 
_struct_conn.ptnr1_label_comp_id 
_struct_conn.ptnr1_label_seq_id 
_struct_conn.ptnr1_label_atom_id 
_struct_conn.pdbx_ptnr1_label_alt_id 
_struct_conn.pdbx_ptnr1_PDB_ins_code 
_struct_conn.pdbx_ptnr1_standard_comp_id 
_struct_conn.ptnr1_symmetry 
_struct_conn.ptnr2_label_asym_id 
_struct_conn.ptnr2_label_comp_id 
_struct_conn.ptnr2_label_seq_id 
_struct_conn.ptnr2_label_atom_id 
_struct_conn.pdbx_ptnr2_label_alt_id 
_struct_conn.pdbx_ptnr2_PDB_ins_code 
_struct_conn.ptnr1_auth_asym_id 
_struct_conn.ptnr1_auth_comp_id 
_struct_conn.ptnr1_auth_seq_id 
_struct_conn.ptnr2_auth_asym_id 
_struct_conn.ptnr2_auth_comp_id 
_struct_conn.ptnr2_auth_seq_id 
_struct_conn.ptnr2_symmetry 
_struct_conn.pdbx_ptnr3_label_atom_id 
_struct_conn.pdbx_ptnr3_label_seq_id 
_struct_conn.pdbx_ptnr3_label_comp_id 
_struct_conn.pdbx_ptnr3_label_asym_id 
_struct_conn.pdbx_ptnr3_label_alt_id 
_struct_conn.pdbx_ptnr3_PDB_ins_code 
_struct_conn.details 
_struct_conn.pdbx_dist_value 
_struct_conn.pdbx_value_order 
_struct_conn.pdbx_role 
covale1 covale both ? A ACE 1  C ? ? ? 1_555 A GLN 2  N ? ? A ACE 144 A GLN 145 1_555 ? ? ? ? ? ? ? 1.338 ? ? 
covale2 covale both ? A ASN 41 C ? ? ? 1_555 A NH2 42 N ? ? A ASN 184 A NH2 185 1_555 ? ? ? ? ? ? ? 1.335 ? ? 
covale3 covale both ? B ACE 1  C ? ? ? 1_555 B VAL 2  N ? ? B ACE 458 B VAL 459 1_555 ? ? ? ? ? ? ? 1.323 ? ? 
covale4 covale both ? B LYS 29 C ? ? ? 1_555 B NH2 30 N ? ? B LYS 486 B NH2 487 1_555 ? ? ? ? ? ? ? 1.260 ? ? 
# 
_struct_conn_type.id          covale 
_struct_conn_type.criteria    ? 
_struct_conn_type.reference   ? 
# 
loop_
_pdbx_modification_feature.ordinal 
_pdbx_modification_feature.label_comp_id 
_pdbx_modification_feature.label_asym_id 
_pdbx_modification_feature.label_seq_id 
_pdbx_modification_feature.label_alt_id 
_pdbx_modification_feature.modified_residue_label_comp_id 
_pdbx_modification_feature.modified_residue_label_asym_id 
_pdbx_modification_feature.modified_residue_label_seq_id 
_pdbx_modification_feature.modified_residue_label_alt_id 
_pdbx_modification_feature.auth_comp_id 
_pdbx_modification_feature.auth_asym_id 
_pdbx_modification_feature.auth_seq_id 
_pdbx_modification_feature.PDB_ins_code 
_pdbx_modification_feature.symmetry 
_pdbx_modification_feature.modified_residue_auth_comp_id 
_pdbx_modification_feature.modified_residue_auth_asym_id 
_pdbx_modification_feature.modified_residue_auth_seq_id 
_pdbx_modification_feature.modified_residue_PDB_ins_code 
_pdbx_modification_feature.modified_residue_symmetry 
_pdbx_modification_feature.comp_id_linking_atom 
_pdbx_modification_feature.modified_residue_id_linking_atom 
_pdbx_modification_feature.modified_residue_id 
_pdbx_modification_feature.ref_pcm_id 
_pdbx_modification_feature.ref_comp_id 
_pdbx_modification_feature.type 
_pdbx_modification_feature.category 
1 ACE A 1  ? GLN A 2  ? ACE A 144 ? 1_555 GLN A 145 ? 1_555 . . GLN 18 ACE None 'Terminal acetylation' 
2 ACE B 1  ? VAL B 2  ? ACE B 458 ? 1_555 VAL B 459 ? 1_555 . . VAL 2  ACE None 'Terminal acetylation' 
3 NH2 A 42 ? ASN A 41 ? NH2 A 185 ? 1_555 ASN A 184 ? 1_555 . . ASN 17 NH2 None 'Terminal amidation'   
4 NH2 B 30 ? LYS B 29 ? NH2 B 487 ? 1_555 LYS B 486 ? 1_555 . . LYS 20 NH2 None 'Terminal amidation'   
# 
_pdbx_entry_details.entry_id                   8XO5 
_pdbx_entry_details.has_ligand_of_interest     N 
_pdbx_entry_details.compound_details           ? 
_pdbx_entry_details.source_details             ? 
_pdbx_entry_details.nonpolymer_details         ? 
_pdbx_entry_details.sequence_details           ? 
_pdbx_entry_details.has_protein_modification   Y 
# 
loop_
_chem_comp_atom.comp_id 
_chem_comp_atom.atom_id 
_chem_comp_atom.type_symbol 
_chem_comp_atom.pdbx_aromatic_flag 
_chem_comp_atom.pdbx_stereo_config 
_chem_comp_atom.pdbx_ordinal 
ACE C    C N N 1   
ACE O    O N N 2   
ACE CH3  C N N 3   
ACE H    H N N 4   
ACE H1   H N N 5   
ACE H2   H N N 6   
ACE H3   H N N 7   
ALA N    N N N 8   
ALA CA   C N S 9   
ALA C    C N N 10  
ALA O    O N N 11  
ALA CB   C N N 12  
ALA OXT  O N N 13  
ALA H    H N N 14  
ALA H2   H N N 15  
ALA HA   H N N 16  
ALA HB1  H N N 17  
ALA HB2  H N N 18  
ALA HB3  H N N 19  
ALA HXT  H N N 20  
ARG N    N N N 21  
ARG CA   C N S 22  
ARG C    C N N 23  
ARG O    O N N 24  
ARG CB   C N N 25  
ARG CG   C N N 26  
ARG CD   C N N 27  
ARG NE   N N N 28  
ARG CZ   C N N 29  
ARG NH1  N N N 30  
ARG NH2  N N N 31  
ARG OXT  O N N 32  
ARG H    H N N 33  
ARG H2   H N N 34  
ARG HA   H N N 35  
ARG HB2  H N N 36  
ARG HB3  H N N 37  
ARG HG2  H N N 38  
ARG HG3  H N N 39  
ARG HD2  H N N 40  
ARG HD3  H N N 41  
ARG HE   H N N 42  
ARG HH11 H N N 43  
ARG HH12 H N N 44  
ARG HH21 H N N 45  
ARG HH22 H N N 46  
ARG HXT  H N N 47  
ASN N    N N N 48  
ASN CA   C N S 49  
ASN C    C N N 50  
ASN O    O N N 51  
ASN CB   C N N 52  
ASN CG   C N N 53  
ASN OD1  O N N 54  
ASN ND2  N N N 55  
ASN OXT  O N N 56  
ASN H    H N N 57  
ASN H2   H N N 58  
ASN HA   H N N 59  
ASN HB2  H N N 60  
ASN HB3  H N N 61  
ASN HD21 H N N 62  
ASN HD22 H N N 63  
ASN HXT  H N N 64  
ASP N    N N N 65  
ASP CA   C N S 66  
ASP C    C N N 67  
ASP O    O N N 68  
ASP CB   C N N 69  
ASP CG   C N N 70  
ASP OD1  O N N 71  
ASP OD2  O N N 72  
ASP OXT  O N N 73  
ASP H    H N N 74  
ASP H2   H N N 75  
ASP HA   H N N 76  
ASP HB2  H N N 77  
ASP HB3  H N N 78  
ASP HD2  H N N 79  
ASP HXT  H N N 80  
GLN N    N N N 81  
GLN CA   C N S 82  
GLN C    C N N 83  
GLN O    O N N 84  
GLN CB   C N N 85  
GLN CG   C N N 86  
GLN CD   C N N 87  
GLN OE1  O N N 88  
GLN NE2  N N N 89  
GLN OXT  O N N 90  
GLN H    H N N 91  
GLN H2   H N N 92  
GLN HA   H N N 93  
GLN HB2  H N N 94  
GLN HB3  H N N 95  
GLN HG2  H N N 96  
GLN HG3  H N N 97  
GLN HE21 H N N 98  
GLN HE22 H N N 99  
GLN HXT  H N N 100 
GLU N    N N N 101 
GLU CA   C N S 102 
GLU C    C N N 103 
GLU O    O N N 104 
GLU CB   C N N 105 
GLU CG   C N N 106 
GLU CD   C N N 107 
GLU OE1  O N N 108 
GLU OE2  O N N 109 
GLU OXT  O N N 110 
GLU H    H N N 111 
GLU H2   H N N 112 
GLU HA   H N N 113 
GLU HB2  H N N 114 
GLU HB3  H N N 115 
GLU HG2  H N N 116 
GLU HG3  H N N 117 
GLU HE2  H N N 118 
GLU HXT  H N N 119 
GLY N    N N N 120 
GLY CA   C N N 121 
GLY C    C N N 122 
GLY O    O N N 123 
GLY OXT  O N N 124 
GLY H    H N N 125 
GLY H2   H N N 126 
GLY HA2  H N N 127 
GLY HA3  H N N 128 
GLY HXT  H N N 129 
HOH O    O N N 130 
HOH H1   H N N 131 
HOH H2   H N N 132 
ILE N    N N N 133 
ILE CA   C N S 134 
ILE C    C N N 135 
ILE O    O N N 136 
ILE CB   C N S 137 
ILE CG1  C N N 138 
ILE CG2  C N N 139 
ILE CD1  C N N 140 
ILE OXT  O N N 141 
ILE H    H N N 142 
ILE H2   H N N 143 
ILE HA   H N N 144 
ILE HB   H N N 145 
ILE HG12 H N N 146 
ILE HG13 H N N 147 
ILE HG21 H N N 148 
ILE HG22 H N N 149 
ILE HG23 H N N 150 
ILE HD11 H N N 151 
ILE HD12 H N N 152 
ILE HD13 H N N 153 
ILE HXT  H N N 154 
LEU N    N N N 155 
LEU CA   C N S 156 
LEU C    C N N 157 
LEU O    O N N 158 
LEU CB   C N N 159 
LEU CG   C N N 160 
LEU CD1  C N N 161 
LEU CD2  C N N 162 
LEU OXT  O N N 163 
LEU H    H N N 164 
LEU H2   H N N 165 
LEU HA   H N N 166 
LEU HB2  H N N 167 
LEU HB3  H N N 168 
LEU HG   H N N 169 
LEU HD11 H N N 170 
LEU HD12 H N N 171 
LEU HD13 H N N 172 
LEU HD21 H N N 173 
LEU HD22 H N N 174 
LEU HD23 H N N 175 
LEU HXT  H N N 176 
LYS N    N N N 177 
LYS CA   C N S 178 
LYS C    C N N 179 
LYS O    O N N 180 
LYS CB   C N N 181 
LYS CG   C N N 182 
LYS CD   C N N 183 
LYS CE   C N N 184 
LYS NZ   N N N 185 
LYS OXT  O N N 186 
LYS H    H N N 187 
LYS H2   H N N 188 
LYS HA   H N N 189 
LYS HB2  H N N 190 
LYS HB3  H N N 191 
LYS HG2  H N N 192 
LYS HG3  H N N 193 
LYS HD2  H N N 194 
LYS HD3  H N N 195 
LYS HE2  H N N 196 
LYS HE3  H N N 197 
LYS HZ1  H N N 198 
LYS HZ2  H N N 199 
LYS HZ3  H N N 200 
LYS HXT  H N N 201 
MET N    N N N 202 
MET CA   C N S 203 
MET C    C N N 204 
MET O    O N N 205 
MET CB   C N N 206 
MET CG   C N N 207 
MET SD   S N N 208 
MET CE   C N N 209 
MET OXT  O N N 210 
MET H    H N N 211 
MET H2   H N N 212 
MET HA   H N N 213 
MET HB2  H N N 214 
MET HB3  H N N 215 
MET HG2  H N N 216 
MET HG3  H N N 217 
MET HE1  H N N 218 
MET HE2  H N N 219 
MET HE3  H N N 220 
MET HXT  H N N 221 
MPD C1   C N N 222 
MPD C2   C N N 223 
MPD O2   O N N 224 
MPD CM   C N N 225 
MPD C3   C N N 226 
MPD C4   C N S 227 
MPD O4   O N N 228 
MPD C5   C N N 229 
MPD H11  H N N 230 
MPD H12  H N N 231 
MPD H13  H N N 232 
MPD HO2  H N N 233 
MPD HM1  H N N 234 
MPD HM2  H N N 235 
MPD HM3  H N N 236 
MPD H31  H N N 237 
MPD H32  H N N 238 
MPD H4   H N N 239 
MPD HO4  H N N 240 
MPD H51  H N N 241 
MPD H52  H N N 242 
MPD H53  H N N 243 
NH2 N    N N N 244 
NH2 HN1  H N N 245 
NH2 HN2  H N N 246 
SER N    N N N 247 
SER CA   C N S 248 
SER C    C N N 249 
SER O    O N N 250 
SER CB   C N N 251 
SER OG   O N N 252 
SER OXT  O N N 253 
SER H    H N N 254 
SER H2   H N N 255 
SER HA   H N N 256 
SER HB2  H N N 257 
SER HB3  H N N 258 
SER HG   H N N 259 
SER HXT  H N N 260 
THR N    N N N 261 
THR CA   C N S 262 
THR C    C N N 263 
THR O    O N N 264 
THR CB   C N R 265 
THR OG1  O N N 266 
THR CG2  C N N 267 
THR OXT  O N N 268 
THR H    H N N 269 
THR H2   H N N 270 
THR HA   H N N 271 
THR HB   H N N 272 
THR HG1  H N N 273 
THR HG21 H N N 274 
THR HG22 H N N 275 
THR HG23 H N N 276 
THR HXT  H N N 277 
TYR N    N N N 278 
TYR CA   C N S 279 
TYR C    C N N 280 
TYR O    O N N 281 
TYR CB   C N N 282 
TYR CG   C Y N 283 
TYR CD1  C Y N 284 
TYR CD2  C Y N 285 
TYR CE1  C Y N 286 
TYR CE2  C Y N 287 
TYR CZ   C Y N 288 
TYR OH   O N N 289 
TYR OXT  O N N 290 
TYR H    H N N 291 
TYR H2   H N N 292 
TYR HA   H N N 293 
TYR HB2  H N N 294 
TYR HB3  H N N 295 
TYR HD1  H N N 296 
TYR HD2  H N N 297 
TYR HE1  H N N 298 
TYR HE2  H N N 299 
TYR HH   H N N 300 
TYR HXT  H N N 301 
VAL N    N N N 302 
VAL CA   C N S 303 
VAL C    C N N 304 
VAL O    O N N 305 
VAL CB   C N N 306 
VAL CG1  C N N 307 
VAL CG2  C N N 308 
VAL OXT  O N N 309 
VAL H    H N N 310 
VAL H2   H N N 311 
VAL HA   H N N 312 
VAL HB   H N N 313 
VAL HG11 H N N 314 
VAL HG12 H N N 315 
VAL HG13 H N N 316 
VAL HG21 H N N 317 
VAL HG22 H N N 318 
VAL HG23 H N N 319 
VAL HXT  H N N 320 
# 
loop_
_chem_comp_bond.comp_id 
_chem_comp_bond.atom_id_1 
_chem_comp_bond.atom_id_2 
_chem_comp_bond.value_order 
_chem_comp_bond.pdbx_aromatic_flag 
_chem_comp_bond.pdbx_stereo_config 
_chem_comp_bond.pdbx_ordinal 
ACE C   O    doub N N 1   
ACE C   CH3  sing N N 2   
ACE C   H    sing N N 3   
ACE CH3 H1   sing N N 4   
ACE CH3 H2   sing N N 5   
ACE CH3 H3   sing N N 6   
ALA N   CA   sing N N 7   
ALA N   H    sing N N 8   
ALA N   H2   sing N N 9   
ALA CA  C    sing N N 10  
ALA CA  CB   sing N N 11  
ALA CA  HA   sing N N 12  
ALA C   O    doub N N 13  
ALA C   OXT  sing N N 14  
ALA CB  HB1  sing N N 15  
ALA CB  HB2  sing N N 16  
ALA CB  HB3  sing N N 17  
ALA OXT HXT  sing N N 18  
ARG N   CA   sing N N 19  
ARG N   H    sing N N 20  
ARG N   H2   sing N N 21  
ARG CA  C    sing N N 22  
ARG CA  CB   sing N N 23  
ARG CA  HA   sing N N 24  
ARG C   O    doub N N 25  
ARG C   OXT  sing N N 26  
ARG CB  CG   sing N N 27  
ARG CB  HB2  sing N N 28  
ARG CB  HB3  sing N N 29  
ARG CG  CD   sing N N 30  
ARG CG  HG2  sing N N 31  
ARG CG  HG3  sing N N 32  
ARG CD  NE   sing N N 33  
ARG CD  HD2  sing N N 34  
ARG CD  HD3  sing N N 35  
ARG NE  CZ   sing N N 36  
ARG NE  HE   sing N N 37  
ARG CZ  NH1  sing N N 38  
ARG CZ  NH2  doub N N 39  
ARG NH1 HH11 sing N N 40  
ARG NH1 HH12 sing N N 41  
ARG NH2 HH21 sing N N 42  
ARG NH2 HH22 sing N N 43  
ARG OXT HXT  sing N N 44  
ASN N   CA   sing N N 45  
ASN N   H    sing N N 46  
ASN N   H2   sing N N 47  
ASN CA  C    sing N N 48  
ASN CA  CB   sing N N 49  
ASN CA  HA   sing N N 50  
ASN C   O    doub N N 51  
ASN C   OXT  sing N N 52  
ASN CB  CG   sing N N 53  
ASN CB  HB2  sing N N 54  
ASN CB  HB3  sing N N 55  
ASN CG  OD1  doub N N 56  
ASN CG  ND2  sing N N 57  
ASN ND2 HD21 sing N N 58  
ASN ND2 HD22 sing N N 59  
ASN OXT HXT  sing N N 60  
ASP N   CA   sing N N 61  
ASP N   H    sing N N 62  
ASP N   H2   sing N N 63  
ASP CA  C    sing N N 64  
ASP CA  CB   sing N N 65  
ASP CA  HA   sing N N 66  
ASP C   O    doub N N 67  
ASP C   OXT  sing N N 68  
ASP CB  CG   sing N N 69  
ASP CB  HB2  sing N N 70  
ASP CB  HB3  sing N N 71  
ASP CG  OD1  doub N N 72  
ASP CG  OD2  sing N N 73  
ASP OD2 HD2  sing N N 74  
ASP OXT HXT  sing N N 75  
GLN N   CA   sing N N 76  
GLN N   H    sing N N 77  
GLN N   H2   sing N N 78  
GLN CA  C    sing N N 79  
GLN CA  CB   sing N N 80  
GLN CA  HA   sing N N 81  
GLN C   O    doub N N 82  
GLN C   OXT  sing N N 83  
GLN CB  CG   sing N N 84  
GLN CB  HB2  sing N N 85  
GLN CB  HB3  sing N N 86  
GLN CG  CD   sing N N 87  
GLN CG  HG2  sing N N 88  
GLN CG  HG3  sing N N 89  
GLN CD  OE1  doub N N 90  
GLN CD  NE2  sing N N 91  
GLN NE2 HE21 sing N N 92  
GLN NE2 HE22 sing N N 93  
GLN OXT HXT  sing N N 94  
GLU N   CA   sing N N 95  
GLU N   H    sing N N 96  
GLU N   H2   sing N N 97  
GLU CA  C    sing N N 98  
GLU CA  CB   sing N N 99  
GLU CA  HA   sing N N 100 
GLU C   O    doub N N 101 
GLU C   OXT  sing N N 102 
GLU CB  CG   sing N N 103 
GLU CB  HB2  sing N N 104 
GLU CB  HB3  sing N N 105 
GLU CG  CD   sing N N 106 
GLU CG  HG2  sing N N 107 
GLU CG  HG3  sing N N 108 
GLU CD  OE1  doub N N 109 
GLU CD  OE2  sing N N 110 
GLU OE2 HE2  sing N N 111 
GLU OXT HXT  sing N N 112 
GLY N   CA   sing N N 113 
GLY N   H    sing N N 114 
GLY N   H2   sing N N 115 
GLY CA  C    sing N N 116 
GLY CA  HA2  sing N N 117 
GLY CA  HA3  sing N N 118 
GLY C   O    doub N N 119 
GLY C   OXT  sing N N 120 
GLY OXT HXT  sing N N 121 
HOH O   H1   sing N N 122 
HOH O   H2   sing N N 123 
ILE N   CA   sing N N 124 
ILE N   H    sing N N 125 
ILE N   H2   sing N N 126 
ILE CA  C    sing N N 127 
ILE CA  CB   sing N N 128 
ILE CA  HA   sing N N 129 
ILE C   O    doub N N 130 
ILE C   OXT  sing N N 131 
ILE CB  CG1  sing N N 132 
ILE CB  CG2  sing N N 133 
ILE CB  HB   sing N N 134 
ILE CG1 CD1  sing N N 135 
ILE CG1 HG12 sing N N 136 
ILE CG1 HG13 sing N N 137 
ILE CG2 HG21 sing N N 138 
ILE CG2 HG22 sing N N 139 
ILE CG2 HG23 sing N N 140 
ILE CD1 HD11 sing N N 141 
ILE CD1 HD12 sing N N 142 
ILE CD1 HD13 sing N N 143 
ILE OXT HXT  sing N N 144 
LEU N   CA   sing N N 145 
LEU N   H    sing N N 146 
LEU N   H2   sing N N 147 
LEU CA  C    sing N N 148 
LEU CA  CB   sing N N 149 
LEU CA  HA   sing N N 150 
LEU C   O    doub N N 151 
LEU C   OXT  sing N N 152 
LEU CB  CG   sing N N 153 
LEU CB  HB2  sing N N 154 
LEU CB  HB3  sing N N 155 
LEU CG  CD1  sing N N 156 
LEU CG  CD2  sing N N 157 
LEU CG  HG   sing N N 158 
LEU CD1 HD11 sing N N 159 
LEU CD1 HD12 sing N N 160 
LEU CD1 HD13 sing N N 161 
LEU CD2 HD21 sing N N 162 
LEU CD2 HD22 sing N N 163 
LEU CD2 HD23 sing N N 164 
LEU OXT HXT  sing N N 165 
LYS N   CA   sing N N 166 
LYS N   H    sing N N 167 
LYS N   H2   sing N N 168 
LYS CA  C    sing N N 169 
LYS CA  CB   sing N N 170 
LYS CA  HA   sing N N 171 
LYS C   O    doub N N 172 
LYS C   OXT  sing N N 173 
LYS CB  CG   sing N N 174 
LYS CB  HB2  sing N N 175 
LYS CB  HB3  sing N N 176 
LYS CG  CD   sing N N 177 
LYS CG  HG2  sing N N 178 
LYS CG  HG3  sing N N 179 
LYS CD  CE   sing N N 180 
LYS CD  HD2  sing N N 181 
LYS CD  HD3  sing N N 182 
LYS CE  NZ   sing N N 183 
LYS CE  HE2  sing N N 184 
LYS CE  HE3  sing N N 185 
LYS NZ  HZ1  sing N N 186 
LYS NZ  HZ2  sing N N 187 
LYS NZ  HZ3  sing N N 188 
LYS OXT HXT  sing N N 189 
MET N   CA   sing N N 190 
MET N   H    sing N N 191 
MET N   H2   sing N N 192 
MET CA  C    sing N N 193 
MET CA  CB   sing N N 194 
MET CA  HA   sing N N 195 
MET C   O    doub N N 196 
MET C   OXT  sing N N 197 
MET CB  CG   sing N N 198 
MET CB  HB2  sing N N 199 
MET CB  HB3  sing N N 200 
MET CG  SD   sing N N 201 
MET CG  HG2  sing N N 202 
MET CG  HG3  sing N N 203 
MET SD  CE   sing N N 204 
MET CE  HE1  sing N N 205 
MET CE  HE2  sing N N 206 
MET CE  HE3  sing N N 207 
MET OXT HXT  sing N N 208 
MPD C1  C2   sing N N 209 
MPD C1  H11  sing N N 210 
MPD C1  H12  sing N N 211 
MPD C1  H13  sing N N 212 
MPD C2  O2   sing N N 213 
MPD C2  CM   sing N N 214 
MPD C2  C3   sing N N 215 
MPD O2  HO2  sing N N 216 
MPD CM  HM1  sing N N 217 
MPD CM  HM2  sing N N 218 
MPD CM  HM3  sing N N 219 
MPD C3  C4   sing N N 220 
MPD C3  H31  sing N N 221 
MPD C3  H32  sing N N 222 
MPD C4  O4   sing N N 223 
MPD C4  C5   sing N N 224 
MPD C4  H4   sing N N 225 
MPD O4  HO4  sing N N 226 
MPD C5  H51  sing N N 227 
MPD C5  H52  sing N N 228 
MPD C5  H53  sing N N 229 
NH2 N   HN1  sing N N 230 
NH2 N   HN2  sing N N 231 
SER N   CA   sing N N 232 
SER N   H    sing N N 233 
SER N   H2   sing N N 234 
SER CA  C    sing N N 235 
SER CA  CB   sing N N 236 
SER CA  HA   sing N N 237 
SER C   O    doub N N 238 
SER C   OXT  sing N N 239 
SER CB  OG   sing N N 240 
SER CB  HB2  sing N N 241 
SER CB  HB3  sing N N 242 
SER OG  HG   sing N N 243 
SER OXT HXT  sing N N 244 
THR N   CA   sing N N 245 
THR N   H    sing N N 246 
THR N   H2   sing N N 247 
THR CA  C    sing N N 248 
THR CA  CB   sing N N 249 
THR CA  HA   sing N N 250 
THR C   O    doub N N 251 
THR C   OXT  sing N N 252 
THR CB  OG1  sing N N 253 
THR CB  CG2  sing N N 254 
THR CB  HB   sing N N 255 
THR OG1 HG1  sing N N 256 
THR CG2 HG21 sing N N 257 
THR CG2 HG22 sing N N 258 
THR CG2 HG23 sing N N 259 
THR OXT HXT  sing N N 260 
TYR N   CA   sing N N 261 
TYR N   H    sing N N 262 
TYR N   H2   sing N N 263 
TYR CA  C    sing N N 264 
TYR CA  CB   sing N N 265 
TYR CA  HA   sing N N 266 
TYR C   O    doub N N 267 
TYR C   OXT  sing N N 268 
TYR CB  CG   sing N N 269 
TYR CB  HB2  sing N N 270 
TYR CB  HB3  sing N N 271 
TYR CG  CD1  doub Y N 272 
TYR CG  CD2  sing Y N 273 
TYR CD1 CE1  sing Y N 274 
TYR CD1 HD1  sing N N 275 
TYR CD2 CE2  doub Y N 276 
TYR CD2 HD2  sing N N 277 
TYR CE1 CZ   doub Y N 278 
TYR CE1 HE1  sing N N 279 
TYR CE2 CZ   sing Y N 280 
TYR CE2 HE2  sing N N 281 
TYR CZ  OH   sing N N 282 
TYR OH  HH   sing N N 283 
TYR OXT HXT  sing N N 284 
VAL N   CA   sing N N 285 
VAL N   H    sing N N 286 
VAL N   H2   sing N N 287 
VAL CA  C    sing N N 288 
VAL CA  CB   sing N N 289 
VAL CA  HA   sing N N 290 
VAL C   O    doub N N 291 
VAL C   OXT  sing N N 292 
VAL CB  CG1  sing N N 293 
VAL CB  CG2  sing N N 294 
VAL CB  HB   sing N N 295 
VAL CG1 HG11 sing N N 296 
VAL CG1 HG12 sing N N 297 
VAL CG1 HG13 sing N N 298 
VAL CG2 HG21 sing N N 299 
VAL CG2 HG22 sing N N 300 
VAL CG2 HG23 sing N N 301 
VAL OXT HXT  sing N N 302 
# 
loop_
_pdbx_audit_support.funding_organization 
_pdbx_audit_support.country 
_pdbx_audit_support.grant_number 
_pdbx_audit_support.ordinal 
'Japan Society for the Promotion of Science (JSPS)'        Japan JP16H05346    1 
'Japan Society for the Promotion of Science (JSPS)'        Japan JP18H02555    2 
'Japan Society for the Promotion of Science (JSPS)'        Japan JP19H03701    3 
'Japan Society for the Promotion of Science (JSPS)'        Japan JP21K19366    4 
'Japan Agency for Medical Research and Development (AMED)' Japan JP20ak0101140 5 
'Other private'                                            Japan ?             6 
# 
_pdbx_initial_refinement_model.id               1 
_pdbx_initial_refinement_model.entity_id_list   ? 
_pdbx_initial_refinement_model.type             'experimental model' 
_pdbx_initial_refinement_model.source_name      PDB 
_pdbx_initial_refinement_model.accession_code   1SVF 
_pdbx_initial_refinement_model.details          ? 
# 
_atom_sites.entry_id                    8XO5 
_atom_sites.Cartn_transf_matrix[1][1]   ? 
_atom_sites.Cartn_transf_matrix[1][2]   ? 
_atom_sites.Cartn_transf_matrix[1][3]   ? 
_atom_sites.Cartn_transf_matrix[2][1]   ? 
_atom_sites.Cartn_transf_matrix[2][2]   ? 
_atom_sites.Cartn_transf_matrix[2][3]   ? 
_atom_sites.Cartn_transf_matrix[3][1]   ? 
_atom_sites.Cartn_transf_matrix[3][2]   ? 
_atom_sites.Cartn_transf_matrix[3][3]   ? 
_atom_sites.Cartn_transf_vector[1]      ? 
_atom_sites.Cartn_transf_vector[2]      ? 
_atom_sites.Cartn_transf_vector[3]      ? 
_atom_sites.Cartn_transform_axes        ? 
_atom_sites.fract_transf_matrix[1][1]   -0.01459029 
_atom_sites.fract_transf_matrix[1][2]   -0.01675533 
_atom_sites.fract_transf_matrix[1][3]   0.00181622 
_atom_sites.fract_transf_matrix[2][1]   -0.01866152 
_atom_sites.fract_transf_matrix[2][2]   0.00270973 
_atom_sites.fract_transf_matrix[2][3]   0.01188858 
_atom_sites.fract_transf_matrix[3][1]   -0.00808559 
_atom_sites.fract_transf_matrix[3][2]   0.00552846 
_atom_sites.fract_transf_matrix[3][3]   -0.01395204 
_atom_sites.fract_transf_vector[1]      0.034860 
_atom_sites.fract_transf_vector[2]      -0.116166 
_atom_sites.fract_transf_vector[3]      -0.316152 
_atom_sites.solution_primary            ? 
_atom_sites.solution_secondary          ? 
_atom_sites.solution_hydrogens          ? 
_atom_sites.special_details             ? 
# 
loop_
_atom_type.symbol 
_atom_type.pdbx_scat_Z 
_atom_type.pdbx_N_electrons 
_atom_type.scat_Cromer_Mann_a1 
_atom_type.scat_Cromer_Mann_b1 
_atom_type.scat_Cromer_Mann_a2 
_atom_type.scat_Cromer_Mann_b2 
_atom_type.scat_Cromer_Mann_a3 
_atom_type.scat_Cromer_Mann_b3 
_atom_type.scat_Cromer_Mann_a4 
_atom_type.scat_Cromer_Mann_b4 
_atom_type.scat_Cromer_Mann_c 
C 6  6  2.310  20.844 1.020 10.208 1.589 0.569  0.865 51.651 0.216   
H 1  1  0.493  10.511 0.323 26.126 0.140 3.142  0.041 57.800 0.003   
N 7  7  12.222 0.006  3.135 9.893  2.014 28.997 1.167 0.583  -11.538 
O 8  8  3.049  13.277 2.287 5.701  1.546 0.324  0.867 32.909 0.251   
S 16 16 6.905  1.468  5.203 22.215 1.438 0.254  1.586 56.172 0.867   
# 
loop_
_atom_site.group_PDB 
_atom_site.id 
_atom_site.type_symbol 
_atom_site.label_atom_id 
_atom_site.label_alt_id 
_atom_site.label_comp_id 
_atom_site.label_asym_id 
_atom_site.label_entity_id 
_atom_site.label_seq_id 
_atom_site.pdbx_PDB_ins_code 
_atom_site.Cartn_x 
_atom_site.Cartn_y 
_atom_site.Cartn_z 
_atom_site.occupancy 
_atom_site.B_iso_or_equiv 
_atom_site.pdbx_formal_charge 
_atom_site.auth_seq_id 
_atom_site.auth_comp_id 
_atom_site.auth_asym_id 
_atom_site.auth_atom_id 
_atom_site.pdbx_PDB_model_num 
_atom_site.calc_flag 
HETATM 1   C C   . ACE A 1 1  ? 13.713  -9.351  24.081  1.000 55.496 ? 144 ACE A C   1 ? 
HETATM 2   O O   . ACE A 1 1  ? 13.607  -8.551  23.196  1.000 53.806 ? 144 ACE A O   1 ? 
HETATM 3   C CH3 . ACE A 1 1  ? 14.275  -8.939  25.426  1.000 55.290 ? 144 ACE A CH3 1 ? 
ATOM   4   N N   . GLN A 1 2  ? 13.346  -10.631 23.961  1.000 44.605 ? 145 GLN A N   1 ? 
ATOM   5   C CA  . GLN A 1 2  ? 12.772  -11.083 22.667  1.000 40.876 ? 145 GLN A CA  1 ? 
ATOM   6   C C   . GLN A 1 2  ? 11.428  -10.383 22.402  1.000 35.114 ? 145 GLN A C   1 ? 
ATOM   7   O O   . GLN A 1 2  ? 11.082  -10.205 21.194  1.000 35.615 ? 145 GLN A O   1 ? 
ATOM   8   C CB  . GLN A 1 2  ? 12.562  -12.595 22.632  1.000 42.852 ? 145 GLN A CB  1 ? 
ATOM   9   C CG  . GLN A 1 2  ? 12.026  -13.121 21.298  1.000 50.357 ? 145 GLN A CG  1 ? 
ATOM   10  C CD  . GLN A 1 2  ? 12.839  -12.704 20.090  1.000 56.160 ? 145 GLN A CD  1 ? 
ATOM   11  O OE1 . GLN A 1 2  ? 14.062  -12.855 20.041  1.000 62.354 ? 145 GLN A OE1 1 ? 
ATOM   12  N NE2 . GLN A 1 2  ? 12.153  -12.192 19.077  1.000 60.825 ? 145 GLN A NE2 1 ? 
ATOM   13  N N   . ALA A 1 3  ? 10.637  -10.085 23.431  1.000 31.119 ? 146 ALA A N   1 ? 
ATOM   14  C CA  . ALA A 1 3  ? 9.332   -9.399  23.283  1.000 29.783 ? 146 ALA A CA  1 ? 
ATOM   15  C C   . ALA A 1 3  ? 9.559   -8.012  22.677  1.000 27.499 ? 146 ALA A C   1 ? 
ATOM   16  O O   . ALA A 1 3  ? 8.683   -7.567  21.865  1.000 27.697 ? 146 ALA A O   1 ? 
ATOM   17  C CB  . ALA A 1 3  ? 8.599   -9.318  24.590  1.000 30.753 ? 146 ALA A CB  1 ? 
ATOM   18  N N   . ILE A 1 4  ? 10.634  -7.325  23.061  1.000 27.998 ? 147 ILE A N   1 ? 
ATOM   19  C CA  . ILE A 1 4  ? 10.999  -5.998  22.499  1.000 30.960 ? 147 ILE A CA  1 ? 
ATOM   20  C C   . ILE A 1 4  ? 11.334  -6.234  21.023  1.000 30.002 ? 147 ILE A C   1 ? 
ATOM   21  O O   . ILE A 1 4  ? 10.858  -5.445  20.170  1.000 29.604 ? 147 ILE A O   1 ? 
ATOM   22  C CB  . ILE A 1 4  ? 12.169  -5.353  23.265  1.000 35.712 ? 147 ILE A CB  1 ? 
ATOM   23  C CG1 . ILE A 1 4  ? 11.835  -5.183  24.753  1.000 36.807 ? 147 ILE A CG1 1 ? 
ATOM   24  C CG2 . ILE A 1 4  ? 12.549  -4.026  22.635  1.000 36.796 ? 147 ILE A CG2 1 ? 
ATOM   25  C CD1 . ILE A 1 4  ? 12.950  -4.530  25.561  1.000 36.152 ? 147 ILE A CD1 1 ? 
ATOM   26  N N   . ASP A 1 5  ? 12.147  -7.242  20.715  1.000 29.174 ? 148 ASP A N   1 ? 
ATOM   27  C CA  . ASP A 1 5  ? 12.559  -7.543  19.318  1.000 30.525 ? 148 ASP A CA  1 ? 
ATOM   28  C C   . ASP A 1 5  ? 11.301  -7.841  18.490  1.000 27.326 ? 148 ASP A C   1 ? 
ATOM   29  O O   . ASP A 1 5  ? 11.234  -7.429  17.303  1.000 27.850 ? 148 ASP A O   1 ? 
ATOM   30  C CB  . ASP A 1 5  ? 13.560  -8.710  19.243  1.000 34.088 ? 148 ASP A CB  1 ? 
ATOM   31  C CG  . ASP A 1 5  ? 14.845  -8.520  20.037  1.000 41.214 ? 148 ASP A CG  1 ? 
ATOM   32  O OD1 . ASP A 1 5  ? 15.173  -7.356  20.383  1.000 47.225 ? 148 ASP A OD1 1 ? 
ATOM   33  O OD2 . ASP A 1 5  ? 15.513  -9.546  20.312  1.000 54.207 ? 148 ASP A OD2 1 ? 
ATOM   34  N N   . ASN A 1 6  ? 10.343  -8.572  19.041  1.000 26.570 ? 149 ASN A N   1 ? 
ATOM   35  C CA  A ASN A 1 6  ? 9.074   -8.940  18.371  0.500 24.644 ? 149 ASN A CA  1 ? 
ATOM   36  C CA  B ASN A 1 6  ? 9.075   -8.939  18.351  0.500 25.788 ? 149 ASN A CA  1 ? 
ATOM   37  C C   . ASN A 1 6  ? 8.295   -7.657  18.000  1.000 24.815 ? 149 ASN A C   1 ? 
ATOM   38  O O   . ASN A 1 6  ? 7.810   -7.519  16.840  1.000 23.736 ? 149 ASN A O   1 ? 
ATOM   39  C CB  A ASN A 1 6  ? 8.310   -9.900  19.287  0.500 27.464 ? 149 ASN A CB  1 ? 
ATOM   40  C CB  B ASN A 1 6  ? 8.190   -9.879  19.181  0.500 30.054 ? 149 ASN A CB  1 ? 
ATOM   41  C CG  A ASN A 1 6  ? 6.877   -10.129 18.873  0.500 28.293 ? 149 ASN A CG  1 ? 
ATOM   42  C CG  B ASN A 1 6  ? 8.555   -11.343 19.040  0.500 33.647 ? 149 ASN A CG  1 ? 
ATOM   43  O OD1 A ASN A 1 6  ? 5.972   -9.400  19.291  0.500 30.401 ? 149 ASN A OD1 1 ? 
ATOM   44  O OD1 B ASN A 1 6  ? 9.370   -11.700 18.201  0.500 36.211 ? 149 ASN A OD1 1 ? 
ATOM   45  N ND2 A ASN A 1 6  ? 6.663   -11.145 18.062  0.500 31.462 ? 149 ASN A ND2 1 ? 
ATOM   46  N ND2 B ASN A 1 6  ? 7.940   -12.191 19.849  0.500 35.330 ? 149 ASN A ND2 1 ? 
ATOM   47  N N   . LEU A 1 7  ? 8.157   -6.741  18.935  1.000 21.428 ? 150 LEU A N   1 ? 
ATOM   48  C CA  . LEU A 1 7  ? 7.458   -5.459  18.670  1.000 21.586 ? 150 LEU A CA  1 ? 
ATOM   49  C C   . LEU A 1 7  ? 8.211   -4.746  17.554  1.000 20.703 ? 150 LEU A C   1 ? 
ATOM   50  O O   . LEU A 1 7  ? 7.536   -4.153  16.687  1.000 20.332 ? 150 LEU A O   1 ? 
ATOM   51  C CB  . LEU A 1 7  ? 7.352   -4.621  19.943  1.000 23.014 ? 150 LEU A CB  1 ? 
ATOM   52  C CG  . LEU A 1 7  ? 6.332   -5.131  20.955  1.000 27.184 ? 150 LEU A CG  1 ? 
ATOM   53  C CD1 . LEU A 1 7  ? 6.294   -4.247  22.193  1.000 32.474 ? 150 LEU A CD1 1 ? 
ATOM   54  C CD2 . LEU A 1 7  ? 4.944   -5.305  20.363  1.000 31.419 ? 150 LEU A CD2 1 ? 
ATOM   55  N N   . ARG A 1 8  ? 9.521   -4.688  17.611  1.000 20.863 ? 151 ARG A N   1 ? 
ATOM   56  C CA  . ARG A 1 8  ? 10.295  -3.969  16.592  1.000 21.107 ? 151 ARG A CA  1 ? 
ATOM   57  C C   . ARG A 1 8  ? 10.017  -4.576  15.222  1.000 22.254 ? 151 ARG A C   1 ? 
ATOM   58  O O   . ARG A 1 8  ? 9.850   -3.806  14.242  1.000 21.479 ? 151 ARG A O   1 ? 
ATOM   59  C CB  . ARG A 1 8  ? 11.787  -4.065  16.904  1.000 23.982 ? 151 ARG A CB  1 ? 
ATOM   60  C CG  . ARG A 1 8  ? 12.642  -3.202  15.994  1.000 29.316 ? 151 ARG A CG  1 ? 
ATOM   61  C CD  . ARG A 1 8  ? 14.101  -3.089  16.388  1.000 37.610 ? 151 ARG A CD  1 ? 
ATOM   62  N NE  . ARG A 1 8  ? 14.286  -2.877  17.822  1.000 39.616 ? 151 ARG A NE  1 ? 
ATOM   63  C CZ  . ARG A 1 8  ? 14.412  -1.695  18.427  1.000 47.444 ? 151 ARG A CZ  1 ? 
ATOM   64  N NH1 . ARG A 1 8  ? 14.380  -0.570  17.733  1.000 46.938 ? 151 ARG A NH1 1 ? 
ATOM   65  N NH2 . ARG A 1 8  ? 14.585  -1.647  19.739  1.000 50.897 ? 151 ARG A NH2 1 ? 
ATOM   66  N N   . ALA A 1 9  ? 9.982   -5.894  15.092  1.000 21.429 ? 152 ALA A N   1 ? 
ATOM   67  C CA  . ALA A 1 9  ? 9.772   -6.560  13.797  1.000 20.489 ? 152 ALA A CA  1 ? 
ATOM   68  C C   . ALA A 1 9  ? 8.360   -6.277  13.318  1.000 19.028 ? 152 ALA A C   1 ? 
ATOM   69  O O   . ALA A 1 9  ? 8.150   -6.048  12.108  1.000 21.009 ? 152 ALA A O   1 ? 
ATOM   70  C CB  . ALA A 1 9  ? 9.989   -8.044  13.954  1.000 22.213 ? 152 ALA A CB  1 ? 
ATOM   71  N N   . SER A 1 10 ? 7.416   -6.267  14.228  1.000 18.837 ? 153 SER A N   1 ? 
ATOM   72  C CA  . SER A 1 10 ? 6.024   -5.905  13.881  1.000 18.718 ? 153 SER A CA  1 ? 
ATOM   73  C C   . SER A 1 10 ? 5.972   -4.466  13.345  1.000 17.264 ? 153 SER A C   1 ? 
ATOM   74  O O   . SER A 1 10 ? 5.320   -4.229  12.293  1.000 18.162 ? 153 SER A O   1 ? 
ATOM   75  C CB  . SER A 1 10 ? 5.089   -6.069  15.035  1.000 19.878 ? 153 SER A CB  1 ? 
ATOM   76  O OG  . SER A 1 10 ? 3.765   -5.597  14.742  1.000 22.658 ? 153 SER A OG  1 ? 
ATOM   77  N N   . LEU A 1 11 ? 6.597   -3.547  14.043  1.000 17.396 ? 154 LEU A N   1 ? 
ATOM   78  C CA  . LEU A 1 11 ? 6.504   -2.149  13.603  1.000 17.490 ? 154 LEU A CA  1 ? 
ATOM   79  C C   . LEU A 1 11 ? 7.235   -1.953  12.290  1.000 17.446 ? 154 LEU A C   1 ? 
ATOM   80  O O   . LEU A 1 11 ? 6.762   -1.204  11.446  1.000 17.786 ? 154 LEU A O   1 ? 
ATOM   81  C CB  . LEU A 1 11 ? 7.042   -1.300  14.724  1.000 19.304 ? 154 LEU A CB  1 ? 
ATOM   82  C CG  . LEU A 1 11 ? 6.948   0.190   14.460  1.000 20.976 ? 154 LEU A CG  1 ? 
ATOM   83  C CD1 . LEU A 1 11 ? 5.584   0.625   13.968  1.000 21.721 ? 154 LEU A CD1 1 ? 
ATOM   84  C CD2 . LEU A 1 11 ? 7.340   0.898   15.758  1.000 25.045 ? 154 LEU A CD2 1 ? 
ATOM   85  N N   . GLU A 1 12 ? 8.369   -2.607  12.060  1.000 18.185 ? 155 GLU A N   1 ? 
ATOM   86  C CA  A GLU A 1 12 ? 9.021   -2.585  10.734  0.600 19.391 ? 155 GLU A CA  1 ? 
ATOM   87  C CA  B GLU A 1 12 ? 9.012   -2.483  10.732  0.400 19.068 ? 155 GLU A CA  1 ? 
ATOM   88  C C   . GLU A 1 12 ? 8.041   -3.017  9.658   1.000 17.841 ? 155 GLU A C   1 ? 
ATOM   89  O O   . GLU A 1 12 ? 7.998   -2.399  8.573   1.000 20.243 ? 155 GLU A O   1 ? 
ATOM   90  C CB  A GLU A 1 12 ? 10.181  -3.591  10.731  0.600 20.197 ? 155 GLU A CB  1 ? 
ATOM   91  C CB  B GLU A 1 12 ? 10.406  -3.134  10.790  0.400 20.300 ? 155 GLU A CB  1 ? 
ATOM   92  C CG  A GLU A 1 12 ? 11.350  -3.165  11.590  0.600 25.072 ? 155 GLU A CG  1 ? 
ATOM   93  C CG  B GLU A 1 12 ? 11.105  -3.230  9.438   0.400 24.626 ? 155 GLU A CG  1 ? 
ATOM   94  C CD  A GLU A 1 12 ? 12.311  -2.212  10.911  0.600 28.793 ? 155 GLU A CD  1 ? 
ATOM   95  C CD  B GLU A 1 12 ? 11.351  -1.907  8.751   0.400 28.254 ? 155 GLU A CD  1 ? 
ATOM   96  O OE1 A GLU A 1 12 ? 12.167  -2.022  9.684   0.600 30.293 ? 155 GLU A OE1 1 ? 
ATOM   97  O OE1 B GLU A 1 12 ? 12.075  -1.047  9.335   0.400 31.741 ? 155 GLU A OE1 1 ? 
ATOM   98  O OE2 A GLU A 1 12 ? 13.197  -1.686  11.600  0.600 35.676 ? 155 GLU A OE2 1 ? 
ATOM   99  O OE2 B GLU A 1 12 ? 10.806  -1.746  7.638   0.400 25.431 ? 155 GLU A OE2 1 ? 
ATOM   100 N N   . THR A 1 13 ? 7.338   -4.093  9.874   1.000 18.016 ? 156 THR A N   1 ? 
ATOM   101 C CA  . THR A 1 13 ? 6.372   -4.665  8.954   1.000 17.900 ? 156 THR A CA  1 ? 
ATOM   102 C C   . THR A 1 13 ? 5.218   -3.664  8.691   1.000 17.132 ? 156 THR A C   1 ? 
ATOM   103 O O   . THR A 1 13 ? 4.797   -3.470  7.554   1.000 18.530 ? 156 THR A O   1 ? 
ATOM   104 C CB  . THR A 1 13 ? 5.926   -6.043  9.436   1.000 19.195 ? 156 THR A CB  1 ? 
ATOM   105 O OG1 . THR A 1 13 ? 7.102   -6.831  9.679   1.000 21.759 ? 156 THR A OG1 1 ? 
ATOM   106 C CG2 . THR A 1 13 ? 5.099   -6.724  8.384   1.000 20.869 ? 156 THR A CG2 1 ? 
ATOM   107 N N   . THR A 1 14 ? 4.663   -3.132  9.784   1.000 16.879 ? 157 THR A N   1 ? 
ATOM   108 C CA  . THR A 1 14 ? 3.637   -2.076  9.680   1.000 15.714 ? 157 THR A CA  1 ? 
ATOM   109 C C   . THR A 1 14 ? 4.140   -0.905  8.818   1.000 14.478 ? 157 THR A C   1 ? 
ATOM   110 O O   . THR A 1 14 ? 3.373   -0.429  7.988   1.000 15.432 ? 157 THR A O   1 ? 
ATOM   111 C CB  . THR A 1 14 ? 3.233   -1.718  11.091  1.000 15.832 ? 157 THR A CB  1 ? 
ATOM   112 O OG1 . THR A 1 14 ? 2.514   -2.819  11.687  1.000 17.015 ? 157 THR A OG1 1 ? 
ATOM   113 C CG2 . THR A 1 14 ? 2.395   -0.463  11.139  1.000 15.855 ? 157 THR A CG2 1 ? 
ATOM   114 N N   . ASN A 1 15 ? 5.365   -0.465  9.058   1.000 15.090 ? 158 ASN A N   1 ? 
ATOM   115 C CA  . ASN A 1 15 ? 5.855   0.675   8.263   1.000 16.115 ? 158 ASN A CA  1 ? 
ATOM   116 C C   . ASN A 1 15 ? 5.898   0.280   6.791   1.000 16.531 ? 158 ASN A C   1 ? 
ATOM   117 O O   . ASN A 1 15 ? 5.622   1.149   5.926   1.000 17.180 ? 158 ASN A O   1 ? 
ATOM   118 C CB  . ASN A 1 15 ? 7.219   1.123   8.778   1.000 16.697 ? 158 ASN A CB  1 ? 
ATOM   119 C CG  . ASN A 1 15 ? 7.188   1.923   10.049  1.000 17.105 ? 158 ASN A CG  1 ? 
ATOM   120 O OD1 . ASN A 1 15 ? 6.097   2.423   10.388  1.000 17.687 ? 158 ASN A OD1 1 ? 
ATOM   121 N ND2 . ASN A 1 15 ? 8.324   2.128   10.696  1.000 18.357 ? 158 ASN A ND2 1 ? 
ATOM   122 N N   . GLN A 1 16 ? 6.262   -0.959  6.474   1.000 17.335 ? 159 GLN A N   1 ? 
ATOM   123 C CA  . GLN A 1 16 ? 6.256   -1.367  5.060   1.000 17.877 ? 159 GLN A CA  1 ? 
ATOM   124 C C   . GLN A 1 16 ? 4.843   -1.329  4.518   1.000 18.227 ? 159 GLN A C   1 ? 
ATOM   125 O O   . GLN A 1 16 ? 4.646   -0.930  3.349   1.000 18.814 ? 159 GLN A O   1 ? 
ATOM   126 C CB  . GLN A 1 16 ? 6.895   -2.739  4.950   1.000 19.617 ? 159 GLN A CB  1 ? 
ATOM   127 C CG  . GLN A 1 16 ? 8.380   -2.744  5.224   1.000 25.087 ? 159 GLN A CG  1 ? 
ATOM   128 C CD  . GLN A 1 16 ? 9.004   -4.114  5.166   1.000 30.246 ? 159 GLN A CD  1 ? 
ATOM   129 O OE1 . GLN A 1 16 ? 8.351   -5.098  4.803   1.000 34.840 ? 159 GLN A OE1 1 ? 
ATOM   130 N NE2 . GLN A 1 16 ? 10.260  -4.174  5.590   1.000 36.773 ? 159 GLN A NE2 1 ? 
ATOM   131 N N   . ALA A 1 17 ? 3.852   -1.740  5.311   1.000 17.392 ? 160 ALA A N   1 ? 
ATOM   132 C CA  . ALA A 1 17 ? 2.479   -1.693  4.844   1.000 15.892 ? 160 ALA A CA  1 ? 
ATOM   133 C C   . ALA A 1 17 ? 2.052   -0.250  4.513   1.000 15.674 ? 160 ALA A C   1 ? 
ATOM   134 O O   . ALA A 1 17 ? 1.331   -0.024  3.569   1.000 16.267 ? 160 ALA A O   1 ? 
ATOM   135 C CB  . ALA A 1 17 ? 1.536   -2.277  5.892   1.000 17.390 ? 160 ALA A CB  1 ? 
ATOM   136 N N   . ILE A 1 18 ? 2.442   0.657   5.381   1.000 15.188 ? 161 ILE A N   1 ? 
ATOM   137 C CA  . ILE A 1 18 ? 2.080   2.086   5.194   1.000 14.810 ? 161 ILE A CA  1 ? 
ATOM   138 C C   . ILE A 1 18 ? 2.714   2.558   3.921   1.000 16.118 ? 161 ILE A C   1 ? 
ATOM   139 O O   . ILE A 1 18 ? 2.099   3.306   3.200   1.000 16.409 ? 161 ILE A O   1 ? 
ATOM   140 C CB  . ILE A 1 18 ? 2.484   2.912   6.409   1.000 14.617 ? 161 ILE A CB  1 ? 
ATOM   141 C CG1 . ILE A 1 18 ? 1.771   2.430   7.672   1.000 15.325 ? 161 ILE A CG1 1 ? 
ATOM   142 C CG2 . ILE A 1 18 ? 2.177   4.384   6.182   1.000 16.117 ? 161 ILE A CG2 1 ? 
ATOM   143 C CD1 . ILE A 1 18 ? 2.421   2.969   8.891   1.000 14.884 ? 161 ILE A CD1 1 ? 
ATOM   144 N N   . GLU A 1 19 ? 3.983   2.224   3.728   1.000 16.966 ? 162 GLU A N   1 ? 
ATOM   145 C CA  . GLU A 1 19 ? 4.665   2.644   2.480   1.000 19.148 ? 162 GLU A CA  1 ? 
ATOM   146 C C   . GLU A 1 19 ? 3.969   2.092   1.255   1.000 17.223 ? 162 GLU A C   1 ? 
ATOM   147 O O   . GLU A 1 19 ? 3.834   2.871   0.256   1.000 19.027 ? 162 GLU A O   1 ? 
ATOM   148 C CB  . GLU A 1 19 ? 6.124   2.228   2.571   1.000 19.559 ? 162 GLU A CB  1 ? 
ATOM   149 C CG  . GLU A 1 19 ? 6.926   2.604   1.317   1.000 20.545 ? 162 GLU A CG  1 ? 
ATOM   150 C CD  . GLU A 1 19 ? 7.012   4.100   1.004   1.000 22.093 ? 162 GLU A CD  1 ? 
ATOM   151 O OE1 . GLU A 1 19 ? 6.716   4.949   1.859   1.000 26.165 ? 162 GLU A OE1 1 ? 
ATOM   152 O OE2 . GLU A 1 19 ? 7.382   4.409   -0.173  1.000 26.583 ? 162 GLU A OE2 1 ? 
ATOM   153 N N   . ALA A 1 20 ? 3.426   0.914   1.262   1.000 17.513 ? 163 ALA A N   1 ? 
ATOM   154 C CA  . ALA A 1 20 ? 2.665   0.385   0.115   1.000 17.232 ? 163 ALA A CA  1 ? 
ATOM   155 C C   . ALA A 1 20 ? 1.402   1.206   -0.125  1.000 17.010 ? 163 ALA A C   1 ? 
ATOM   156 O O   . ALA A 1 20 ? 1.091   1.578   -1.259  1.000 17.811 ? 163 ALA A O   1 ? 
ATOM   157 C CB  . ALA A 1 20 ? 2.370   -1.062  0.328   1.000 18.191 ? 163 ALA A CB  1 ? 
ATOM   158 N N   . ILE A 1 21 ? 0.712   1.595   0.974   1.000 16.860 ? 164 ILE A N   1 ? 
ATOM   159 C CA  . ILE A 1 21 ? -0.475  2.463   0.827   1.000 15.993 ? 164 ILE A CA  1 ? 
ATOM   160 C C   . ILE A 1 21 ? -0.079  3.847   0.287   1.000 16.086 ? 164 ILE A C   1 ? 
ATOM   161 O O   . ILE A 1 21 ? -0.792  4.408   -0.523  1.000 16.696 ? 164 ILE A O   1 ? 
ATOM   162 C CB  . ILE A 1 21 ? -1.223  2.525   2.151   1.000 16.411 ? 164 ILE A CB  1 ? 
ATOM   163 C CG1 . ILE A 1 21 ? -1.780  1.138   2.463   1.000 18.900 ? 164 ILE A CG1 1 ? 
ATOM   164 C CG2 . ILE A 1 21 ? -2.282  3.601   2.155   1.000 19.006 ? 164 ILE A CG2 1 ? 
ATOM   165 C CD1 . ILE A 1 21 ? -2.344  1.005   3.856   1.000 20.585 ? 164 ILE A CD1 1 ? 
ATOM   166 N N   . ARG A 1 22 ? 1.036   4.354   0.756   1.000 16.270 ? 165 ARG A N   1 ? 
ATOM   167 C CA  . ARG A 1 22 ? 1.501   5.684   0.310   1.000 17.123 ? 165 ARG A CA  1 ? 
ATOM   168 C C   . ARG A 1 22 ? 1.777   5.624   -1.176  1.000 17.927 ? 165 ARG A C   1 ? 
ATOM   169 O O   . ARG A 1 22 ? 1.430   6.585   -1.921  1.000 19.656 ? 165 ARG A O   1 ? 
ATOM   170 C CB  . ARG A 1 22 ? 2.748   6.059   1.099   1.000 17.925 ? 165 ARG A CB  1 ? 
ATOM   171 C CG  . ARG A 1 22 ? 3.022   7.556   1.098   1.000 20.594 ? 165 ARG A CG  1 ? 
ATOM   172 C CD  . ARG A 1 22 ? 4.387   7.833   1.731   1.000 22.271 ? 165 ARG A CD  1 ? 
ATOM   173 N NE  . ARG A 1 22 ? 5.435   7.286   0.891   1.000 22.928 ? 165 ARG A NE  1 ? 
ATOM   174 C CZ  . ARG A 1 22 ? 5.825   7.800   -0.268  1.000 26.199 ? 165 ARG A CZ  1 ? 
ATOM   175 N NH1 . ARG A 1 22 ? 5.376   8.989   -0.627  1.000 25.942 ? 165 ARG A NH1 1 ? 
ATOM   176 N NH2 . ARG A 1 22 ? 6.706   7.149   -1.020  1.000 27.715 ? 165 ARG A NH2 1 ? 
ATOM   177 N N   . GLN A 1 23 ? 2.422   4.590   -1.638  1.000 17.876 ? 166 GLN A N   1 ? 
ATOM   178 C CA  . GLN A 1 23 ? 2.674   4.458   -3.086  1.000 19.423 ? 166 GLN A CA  1 ? 
ATOM   179 C C   . GLN A 1 23 ? 1.367   4.240   -3.816  1.000 19.441 ? 166 GLN A C   1 ? 
ATOM   180 O O   . GLN A 1 23 ? 1.207   4.775   -4.933  1.000 20.572 ? 166 GLN A O   1 ? 
ATOM   181 C CB  . GLN A 1 23 ? 3.590   3.286   -3.266  1.000 20.528 ? 166 GLN A CB  1 ? 
ATOM   182 C CG  . GLN A 1 23 ? 4.999   3.556   -2.765  1.000 23.128 ? 166 GLN A CG  1 ? 
ATOM   183 C CD  . GLN A 1 23 ? 5.909   2.363   -2.927  1.000 29.826 ? 166 GLN A CD  1 ? 
ATOM   184 O OE1 . GLN A 1 23 ? 5.573   1.385   -3.585  1.000 32.607 ? 166 GLN A OE1 1 ? 
ATOM   185 N NE2 . GLN A 1 23 ? 7.078   2.403   -2.300  1.000 28.898 ? 166 GLN A NE2 1 ? 
ATOM   186 N N   . ALA A 1 24 ? 0.391   3.517   -3.274  1.000 18.626 ? 167 ALA A N   1 ? 
ATOM   187 C CA  . ALA A 1 24 ? -0.925  3.403   -3.915  1.000 18.494 ? 167 ALA A CA  1 ? 
ATOM   188 C C   . ALA A 1 24 ? -1.553  4.792   -4.042  1.000 19.059 ? 167 ALA A C   1 ? 
ATOM   189 O O   . ALA A 1 24 ? -2.151  5.130   -5.085  1.000 19.267 ? 167 ALA A O   1 ? 
ATOM   190 C CB  . ALA A 1 24 ? -1.851  2.486   -3.134  1.000 18.927 ? 167 ALA A CB  1 ? 
ATOM   191 N N   . GLY A 1 25 ? -1.393  5.620   -3.040  1.000 18.445 ? 168 GLY A N   1 ? 
ATOM   192 C CA  . GLY A 1 25 ? -1.879  7.005   -3.110  1.000 17.516 ? 168 GLY A CA  1 ? 
ATOM   193 C C   . GLY A 1 25 ? -1.241  7.771   -4.258  1.000 19.265 ? 168 GLY A C   1 ? 
ATOM   194 O O   . GLY A 1 25 ? -1.944  8.579   -4.903  1.000 19.746 ? 168 GLY A O   1 ? 
ATOM   195 N N   . GLN A 1 26 ? 0.057   7.632   -4.461  1.000 18.776 ? 169 GLN A N   1 ? 
ATOM   196 C CA  . GLN A 1 26 ? 0.708   8.356   -5.588  1.000 19.218 ? 169 GLN A CA  1 ? 
ATOM   197 C C   . GLN A 1 26 ? 0.137   7.866   -6.919  1.000 19.848 ? 169 GLN A C   1 ? 
ATOM   198 O O   . GLN A 1 26 ? -0.098  8.725   -7.812  1.000 19.410 ? 169 GLN A O   1 ? 
ATOM   199 C CB  . GLN A 1 26 ? 2.216   8.182   -5.513  1.000 22.310 ? 169 GLN A CB  1 ? 
ATOM   200 C CG  . GLN A 1 26 ? 2.843   8.774   -4.278  1.000 23.962 ? 169 GLN A CG  1 ? 
ATOM   201 C CD  . GLN A 1 26 ? 4.331   8.564   -4.227  1.000 29.061 ? 169 GLN A CD  1 ? 
ATOM   202 O OE1 . GLN A 1 26 ? 4.790   7.424   -4.281  1.000 34.199 ? 169 GLN A OE1 1 ? 
ATOM   203 N NE2 . GLN A 1 26 ? 5.048   9.665   -4.060  1.000 37.768 ? 169 GLN A NE2 1 ? 
ATOM   204 N N   . GLU A 1 27 ? -0.157  6.596   -7.084  1.000 18.613 ? 170 GLU A N   1 ? 
ATOM   205 C CA  . GLU A 1 27 ? -0.778  6.064   -8.311  1.000 19.076 ? 170 GLU A CA  1 ? 
ATOM   206 C C   . GLU A 1 27 ? -2.192  6.607   -8.444  1.000 20.198 ? 170 GLU A C   1 ? 
ATOM   207 O O   . GLU A 1 27 ? -2.627  6.949   -9.557  1.000 20.820 ? 170 GLU A O   1 ? 
ATOM   208 C CB  . GLU A 1 27 ? -0.744  4.545   -8.345  1.000 22.179 ? 170 GLU A CB  1 ? 
ATOM   209 C CG  . GLU A 1 27 ? 0.680   4.067   -8.494  1.000 24.400 ? 170 GLU A CG  1 ? 
ATOM   210 C CD  . GLU A 1 27 ? 1.328   4.328   -9.850  1.000 24.618 ? 170 GLU A CD  1 ? 
ATOM   211 O OE1 . GLU A 1 27 ? 0.606   4.343   -10.828 1.000 28.034 ? 170 GLU A OE1 1 ? 
ATOM   212 O OE2 . GLU A 1 27 ? 2.592   4.416   -9.935  1.000 29.881 ? 170 GLU A OE2 1 ? 
ATOM   213 N N   . MET A 1 28 ? -2.935  6.757   -7.346  1.000 19.392 ? 171 MET A N   1 ? 
ATOM   214 C CA  A MET A 1 28 ? -4.302  7.289   -7.454  0.500 20.100 ? 171 MET A CA  1 ? 
ATOM   215 C CA  B MET A 1 28 ? -4.295  7.357   -7.326  0.500 20.957 ? 171 MET A CA  1 ? 
ATOM   216 C C   . MET A 1 28 ? -4.250  8.774   -7.857  1.000 20.760 ? 171 MET A C   1 ? 
ATOM   217 O O   . MET A 1 28 ? -5.136  9.165   -8.607  1.000 21.228 ? 171 MET A O   1 ? 
ATOM   218 C CB  A MET A 1 28 ? -5.052  7.025   -6.146  0.500 19.122 ? 171 MET A CB  1 ? 
ATOM   219 C CB  B MET A 1 28 ? -4.822  7.471   -5.895  0.500 21.461 ? 171 MET A CB  1 ? 
ATOM   220 C CG  A MET A 1 28 ? -5.458  5.548   -5.965  0.500 22.634 ? 171 MET A CG  1 ? 
ATOM   221 C CG  B MET A 1 28 ? -5.249  6.154   -5.305  0.500 26.504 ? 171 MET A CG  1 ? 
ATOM   222 S SD  A MET A 1 28 ? -6.427  5.301   -4.400  0.500 27.812 ? 171 MET A SD  1 ? 
ATOM   223 S SD  B MET A 1 28 ? -6.609  5.386   -6.218  0.500 32.255 ? 171 MET A SD  1 ? 
ATOM   224 C CE  A MET A 1 28 ? -5.289  4.450   -3.308  0.500 27.613 ? 171 MET A CE  1 ? 
ATOM   225 C CE  B MET A 1 28 ? -7.428  6.853   -6.845  0.500 22.585 ? 171 MET A CE  1 ? 
ATOM   226 N N   . ILE A 1 29 ? -3.270  9.528   -7.420  1.000 19.811 ? 172 ILE A N   1 ? 
ATOM   227 C CA  . ILE A 1 29 ? -3.144  10.945  -7.868  1.000 20.700 ? 172 ILE A CA  1 ? 
ATOM   228 C C   . ILE A 1 29 ? -2.934  10.944  -9.382  1.000 21.140 ? 172 ILE A C   1 ? 
ATOM   229 O O   . ILE A 1 29 ? -3.555  11.776  -10.070 1.000 21.745 ? 172 ILE A O   1 ? 
ATOM   230 C CB  . ILE A 1 29 ? -2.018  11.651  -7.100  1.000 20.788 ? 172 ILE A CB  1 ? 
ATOM   231 C CG1 . ILE A 1 29 ? -2.414  11.818  -5.628  1.000 22.052 ? 172 ILE A CG1 1 ? 
ATOM   232 C CG2 . ILE A 1 29 ? -1.612  12.965  -7.779  1.000 22.589 ? 172 ILE A CG2 1 ? 
ATOM   233 C CD1 . ILE A 1 29 ? -1.338  12.379  -4.722  1.000 24.496 ? 172 ILE A CD1 1 ? 
ATOM   234 N N   . LEU A 1 30 ? -2.045  10.136  -9.883  1.000 20.069 ? 173 LEU A N   1 ? 
ATOM   235 C CA  . LEU A 1 30 ? -1.819  10.013  -11.361 1.000 20.442 ? 173 LEU A CA  1 ? 
ATOM   236 C C   . LEU A 1 30 ? -3.131  9.586   -12.034 1.000 22.980 ? 173 LEU A C   1 ? 
ATOM   237 O O   . LEU A 1 30 ? -3.429  10.064  -13.131 1.000 21.597 ? 173 LEU A O   1 ? 
ATOM   238 C CB  . LEU A 1 30 ? -0.697  9.012   -11.630 1.000 20.841 ? 173 LEU A CB  1 ? 
ATOM   239 C CG  . LEU A 1 30 ? 0.683   9.417   -11.121 1.000 22.167 ? 173 LEU A CG  1 ? 
ATOM   240 C CD1 . LEU A 1 30 ? 1.668   8.271   -11.378 1.000 23.557 ? 173 LEU A CD1 1 ? 
ATOM   241 C CD2 . LEU A 1 30 ? 1.164   10.721  -11.754 1.000 25.471 ? 173 LEU A CD2 1 ? 
ATOM   242 N N   . ALA A 1 31 ? -3.910  8.666   -11.497 1.000 21.495 ? 174 ALA A N   1 ? 
ATOM   243 C CA  . ALA A 1 31 ? -5.200  8.261   -12.096 1.000 21.279 ? 174 ALA A CA  1 ? 
ATOM   244 C C   . ALA A 1 31 ? -6.148  9.450   -12.175 1.000 22.077 ? 174 ALA A C   1 ? 
ATOM   245 O O   . ALA A 1 31 ? -6.733  9.668   -13.273 1.000 23.133 ? 174 ALA A O   1 ? 
ATOM   246 C CB  . ALA A 1 31 ? -5.816  7.161   -11.285 1.000 20.656 ? 174 ALA A CB  1 ? 
ATOM   247 N N   . VAL A 1 32 ? -6.338  10.208  -11.116 1.000 20.794 ? 175 VAL A N   1 ? 
ATOM   248 C CA  . VAL A 1 32 ? -7.280  11.359  -11.092 1.000 21.767 ? 175 VAL A CA  1 ? 
ATOM   249 C C   . VAL A 1 32 ? -6.742  12.417  -12.056 1.000 23.713 ? 175 VAL A C   1 ? 
ATOM   250 O O   . VAL A 1 32 ? -7.546  12.969  -12.850 1.000 23.371 ? 175 VAL A O   1 ? 
ATOM   251 C CB  . VAL A 1 32 ? -7.501  11.877  -9.672  1.000 22.282 ? 175 VAL A CB  1 ? 
ATOM   252 C CG1 . VAL A 1 32 ? -8.453  13.065  -9.631  1.000 25.048 ? 175 VAL A CG1 1 ? 
ATOM   253 C CG2 . VAL A 1 32 ? -8.009  10.778  -8.771  1.000 23.472 ? 175 VAL A CG2 1 ? 
ATOM   254 N N   . GLN A 1 33 ? -5.436  12.630  -12.086 1.000 23.407 ? 176 GLN A N   1 ? 
ATOM   255 C CA  A GLN A 1 33 ? -4.783  13.525  -13.086 0.500 25.560 ? 176 GLN A CA  1 ? 
ATOM   256 C CA  B GLN A 1 33 ? -4.882  13.595  -13.074 0.500 24.538 ? 176 GLN A CA  1 ? 
ATOM   257 C C   . GLN A 1 33 ? -5.096  13.062  -14.505 1.000 24.826 ? 176 GLN A C   1 ? 
ATOM   258 O O   . GLN A 1 33 ? -5.397  13.953  -15.384 1.000 27.725 ? 176 GLN A O   1 ? 
ATOM   259 C CB  A GLN A 1 33 ? -3.275  13.545  -12.848 0.500 24.899 ? 176 GLN A CB  1 ? 
ATOM   260 C CB  B GLN A 1 33 ? -3.448  13.971  -12.697 0.500 22.397 ? 176 GLN A CB  1 ? 
ATOM   261 C CG  A GLN A 1 33 ? -2.892  14.525  -11.757 0.500 25.411 ? 176 GLN A CG  1 ? 
ATOM   262 C CG  B GLN A 1 33 ? -2.906  15.085  -13.578 0.500 23.958 ? 176 GLN A CG  1 ? 
ATOM   263 C CD  A GLN A 1 33 ? -1.422  14.525  -11.401 0.500 28.610 ? 176 GLN A CD  1 ? 
ATOM   264 C CD  B GLN A 1 33 ? -3.523  16.425  -13.273 0.500 27.410 ? 176 GLN A CD  1 ? 
ATOM   265 O OE1 A GLN A 1 33 ? -0.657  13.622  -11.751 0.500 30.233 ? 176 GLN A OE1 1 ? 
ATOM   266 O OE1 B GLN A 1 33 ? -4.123  17.066  -14.147 0.500 30.159 ? 176 GLN A OE1 1 ? 
ATOM   267 N NE2 A GLN A 1 33 ? -1.032  15.516  -10.622 0.500 29.029 ? 176 GLN A NE2 1 ? 
ATOM   268 N NE2 B GLN A 1 33 ? -3.353  16.880  -12.043 0.500 27.625 ? 176 GLN A NE2 1 ? 
ATOM   269 N N   . GLY A 1 34 ? -5.051  11.776  -14.771 1.000 25.342 ? 177 GLY A N   1 ? 
ATOM   270 C CA  . GLY A 1 34 ? -5.308  11.206  -16.097 1.000 27.238 ? 177 GLY A CA  1 ? 
ATOM   271 C C   . GLY A 1 34 ? -6.735  11.415  -16.522 1.000 27.946 ? 177 GLY A C   1 ? 
ATOM   272 O O   . GLY A 1 34 ? -7.005  11.723  -17.717 1.000 29.015 ? 177 GLY A O   1 ? 
ATOM   273 N N   . VAL A 1 35 ? -7.663  11.355  -15.576 1.000 25.034 ? 178 VAL A N   1 ? 
ATOM   274 C CA  . VAL A 1 35 ? -9.101  11.572  -15.905 1.000 25.598 ? 178 VAL A CA  1 ? 
ATOM   275 C C   . VAL A 1 35 ? -9.277  13.052  -16.215 1.000 29.428 ? 178 VAL A C   1 ? 
ATOM   276 O O   . VAL A 1 35 ? -9.928  13.364  -17.246 1.000 29.955 ? 178 VAL A O   1 ? 
ATOM   277 C CB  . VAL A 1 35 ? -10.050 11.115  -14.775 1.000 26.602 ? 178 VAL A CB  1 ? 
ATOM   278 C CG1 . VAL A 1 35 ? -11.484 11.535  -15.074 1.000 28.547 ? 178 VAL A CG1 1 ? 
ATOM   279 C CG2 . VAL A 1 35 ? -9.978  9.626   -14.562 1.000 28.150 ? 178 VAL A CG2 1 ? 
ATOM   280 N N   . GLN A 1 36 ? -8.705  13.922  -15.378 1.000 29.203 ? 179 GLN A N   1 ? 
ATOM   281 C CA  A GLN A 1 36 ? -8.827  15.406  -15.482 0.700 33.225 ? 179 GLN A CA  1 ? 
ATOM   282 C CA  B GLN A 1 36 ? -8.787  15.402  -15.467 0.300 32.253 ? 179 GLN A CA  1 ? 
ATOM   283 C C   . GLN A 1 36 ? -8.191  15.851  -16.808 1.000 33.607 ? 179 GLN A C   1 ? 
ATOM   284 O O   . GLN A 1 36 ? -8.820  16.677  -17.503 1.000 35.751 ? 179 GLN A O   1 ? 
ATOM   285 C CB  A GLN A 1 36 ? -8.229  16.058  -14.224 0.700 36.891 ? 179 GLN A CB  1 ? 
ATOM   286 C CB  B GLN A 1 36 ? -8.038  15.933  -14.248 0.300 33.333 ? 179 GLN A CB  1 ? 
ATOM   287 C CG  A GLN A 1 36 ? -8.222  17.588  -14.209 0.700 42.536 ? 179 GLN A CG  1 ? 
ATOM   288 C CG  B GLN A 1 36 ? -8.209  17.406  -13.943 0.300 35.359 ? 179 GLN A CG  1 ? 
ATOM   289 C CD  A GLN A 1 36 ? -9.588  18.234  -14.161 0.700 44.586 ? 179 GLN A CD  1 ? 
ATOM   290 C CD  B GLN A 1 36 ? -7.258  17.711  -12.818 0.300 35.418 ? 179 GLN A CD  1 ? 
ATOM   291 O OE1 A GLN A 1 36 ? -10.559 17.668  -13.666 0.700 44.266 ? 179 GLN A OE1 1 ? 
ATOM   292 O OE1 B GLN A 1 36 ? -6.383  16.903  -12.503 0.300 35.015 ? 179 GLN A OE1 1 ? 
ATOM   293 N NE2 A GLN A 1 36 ? -9.676  19.454  -14.672 0.700 45.672 ? 179 GLN A NE2 1 ? 
ATOM   294 N NE2 B GLN A 1 36 ? -7.436  18.858  -12.188 0.300 36.108 ? 179 GLN A NE2 1 ? 
ATOM   295 N N   . ASP A 1 37 ? -7.034  15.295  -17.173 1.000 35.380 ? 180 ASP A N   1 ? 
ATOM   296 C CA  . ASP A 1 37 ? -6.356  15.539  -18.476 1.000 37.402 ? 180 ASP A CA  1 ? 
ATOM   297 C C   . ASP A 1 37 ? -7.299  15.178  -19.630 1.000 42.624 ? 180 ASP A C   1 ? 
ATOM   298 O O   . ASP A 1 37 ? -7.465  16.049  -20.526 1.000 41.508 ? 180 ASP A O   1 ? 
ATOM   299 C CB  . ASP A 1 37 ? -5.012  14.815  -18.546 1.000 39.253 ? 180 ASP A CB  1 ? 
ATOM   300 C CG  . ASP A 1 37 ? -3.980  15.408  -17.608 1.000 36.839 ? 180 ASP A CG  1 ? 
ATOM   301 O OD1 . ASP A 1 37 ? -4.224  16.516  -17.062 1.000 36.539 ? 180 ASP A OD1 1 ? 
ATOM   302 O OD2 . ASP A 1 37 ? -2.933  14.742  -17.411 1.000 37.348 ? 180 ASP A OD2 1 ? 
ATOM   303 N N   . TYR A 1 38 ? -7.911  13.985  -19.616 1.000 44.903 ? 181 TYR A N   1 ? 
ATOM   304 C CA  . TYR A 1 38 ? -8.761  13.481  -20.729 1.000 49.710 ? 181 TYR A CA  1 ? 
ATOM   305 C C   . TYR A 1 38 ? -10.000 14.369  -20.913 1.000 49.780 ? 181 TYR A C   1 ? 
ATOM   306 O O   . TYR A 1 38 ? -10.358 14.620  -22.087 1.000 57.117 ? 181 TYR A O   1 ? 
ATOM   307 C CB  . TYR A 1 38 ? -9.167  12.010  -20.575 1.000 51.752 ? 181 TYR A CB  1 ? 
ATOM   308 C CG  . TYR A 1 38 ? -9.414  11.346  -21.906 1.000 57.546 ? 181 TYR A CG  1 ? 
ATOM   309 C CD1 . TYR A 1 38 ? -10.555 11.622  -22.646 1.000 62.516 ? 181 TYR A CD1 1 ? 
ATOM   310 C CD2 . TYR A 1 38 ? -8.476  10.488  -22.464 1.000 63.863 ? 181 TYR A CD2 1 ? 
ATOM   311 C CE1 . TYR A 1 38 ? -10.770 11.043  -23.888 1.000 63.377 ? 181 TYR A CE1 1 ? 
ATOM   312 C CE2 . TYR A 1 38 ? -8.673  9.905   -23.707 1.000 65.772 ? 181 TYR A CE2 1 ? 
ATOM   313 C CZ  . TYR A 1 38 ? -9.825  10.181  -24.424 1.000 67.089 ? 181 TYR A CZ  1 ? 
ATOM   314 O OH  . TYR A 1 38 ? -10.021 9.605   -25.651 1.000 62.960 ? 181 TYR A OH  1 ? 
ATOM   315 N N   . ILE A 1 39 ? -10.643 14.842  -19.841 1.000 42.217 ? 182 ILE A N   1 ? 
ATOM   316 C CA  . ILE A 1 39 ? -11.871 15.688  -19.972 1.000 41.805 ? 182 ILE A CA  1 ? 
ATOM   317 C C   . ILE A 1 39 ? -11.465 17.115  -20.361 1.000 43.606 ? 182 ILE A C   1 ? 
ATOM   318 O O   . ILE A 1 39 ? -12.348 17.845  -20.832 1.000 41.630 ? 182 ILE A O   1 ? 
ATOM   319 C CB  . ILE A 1 39 ? -12.788 15.638  -18.733 1.000 40.185 ? 182 ILE A CB  1 ? 
ATOM   320 C CG1 . ILE A 1 39 ? -12.233 16.376  -17.514 1.000 37.881 ? 182 ILE A CG1 1 ? 
ATOM   321 C CG2 . ILE A 1 39 ? -13.141 14.193  -18.398 1.000 40.275 ? 182 ILE A CG2 1 ? 
ATOM   322 C CD1 . ILE A 1 39 ? -13.255 16.528  -16.407 1.000 41.359 ? 182 ILE A CD1 1 ? 
ATOM   323 N N   . ASN A 1 40 ? -10.191 17.497  -20.200 1.000 43.105 ? 183 ASN A N   1 ? 
ATOM   324 C CA  . ASN A 1 40 ? -9.684  18.841  -20.604 1.000 46.783 ? 183 ASN A CA  1 ? 
ATOM   325 C C   . ASN A 1 40 ? -8.947  18.787  -21.951 1.000 47.104 ? 183 ASN A C   1 ? 
ATOM   326 O O   . ASN A 1 40 ? -8.422  19.837  -22.333 1.000 51.276 ? 183 ASN A O   1 ? 
ATOM   327 C CB  . ASN A 1 40 ? -8.694  19.430  -19.602 1.000 43.789 ? 183 ASN A CB  1 ? 
ATOM   328 C CG  . ASN A 1 40 ? -9.312  20.104  -18.395 1.000 49.268 ? 183 ASN A CG  1 ? 
ATOM   329 O OD1 . ASN A 1 40 ? -10.372 20.731  -18.472 1.000 47.827 ? 183 ASN A OD1 1 ? 
ATOM   330 N ND2 . ASN A 1 40 ? -8.604  20.037  -17.279 1.000 50.375 ? 183 ASN A ND2 1 ? 
ATOM   331 N N   . ASN A 1 41 ? -8.899  17.639  -22.645 1.000 50.153 ? 184 ASN A N   1 ? 
ATOM   332 C CA  A ASN A 1 41 ? -8.164  17.467  -23.932 0.700 51.097 ? 184 ASN A CA  1 ? 
ATOM   333 C CA  B ASN A 1 41 ? -8.135  17.513  -23.918 0.300 50.453 ? 184 ASN A CA  1 ? 
ATOM   334 C C   . ASN A 1 41 ? -8.897  18.236  -25.040 1.000 54.829 ? 184 ASN A C   1 ? 
ATOM   335 O O   . ASN A 1 41 ? -8.282  18.486  -26.100 1.000 55.522 ? 184 ASN A O   1 ? 
ATOM   336 C CB  A ASN A 1 41 ? -7.933  15.987  -24.281 0.700 49.493 ? 184 ASN A CB  1 ? 
ATOM   337 C CB  B ASN A 1 41 ? -7.829  16.055  -24.272 0.300 48.186 ? 184 ASN A CB  1 ? 
ATOM   338 C CG  A ASN A 1 41 ? -9.154  15.207  -24.741 0.700 47.734 ? 184 ASN A CG  1 ? 
ATOM   339 C CG  B ASN A 1 41 ? -6.575  15.904  -25.108 0.300 45.717 ? 184 ASN A CG  1 ? 
ATOM   340 O OD1 A ASN A 1 41 ? -10.296 15.523  -24.405 0.700 40.821 ? 184 ASN A OD1 1 ? 
ATOM   341 O OD1 B ASN A 1 41 ? -6.261  14.812  -25.575 0.300 41.548 ? 184 ASN A OD1 1 ? 
ATOM   342 N ND2 A ASN A 1 41 ? -8.915  14.143  -25.492 0.700 46.844 ? 184 ASN A ND2 1 ? 
ATOM   343 N ND2 B ASN A 1 41 ? -5.854  16.996  -25.307 0.300 44.600 ? 184 ASN A ND2 1 ? 
HETATM 344 N N   . NH2 A 1 42 ? -10.159 18.596  -24.789 1.000 58.899 ? 185 NH2 A N   1 ? 
HETATM 345 C C   . ACE B 2 1  ? -3.842  5.175   -17.374 1.000 37.024 ? 458 ACE B C   1 ? 
HETATM 346 O O   . ACE B 2 1  ? -3.233  4.662   -16.476 1.000 37.296 ? 458 ACE B O   1 ? 
HETATM 347 C CH3 . ACE B 2 1  ? -3.220  5.291   -18.751 1.000 38.915 ? 458 ACE B CH3 1 ? 
ATOM   348 N N   . VAL B 2 2  ? -5.077  5.642   -17.284 1.000 30.843 ? 459 VAL B N   1 ? 
ATOM   349 C CA  . VAL B 2 2  ? -5.755  5.697   -15.950 1.000 30.376 ? 459 VAL B CA  1 ? 
ATOM   350 C C   . VAL B 2 2  ? -5.924  4.265   -15.417 1.000 34.423 ? 459 VAL B C   1 ? 
ATOM   351 O O   . VAL B 2 2  ? -5.629  4.020   -14.236 1.000 29.897 ? 459 VAL B O   1 ? 
ATOM   352 C CB  . VAL B 2 2  ? -7.103  6.428   -16.052 1.000 30.890 ? 459 VAL B CB  1 ? 
ATOM   353 C CG1 . VAL B 2 2  ? -7.980  6.184   -14.828 1.000 32.137 ? 459 VAL B CG1 1 ? 
ATOM   354 C CG2 . VAL B 2 2  ? -6.926  7.916   -16.284 1.000 31.813 ? 459 VAL B CG2 1 ? 
ATOM   355 N N   . GLU B 2 3  ? -6.344  3.317   -16.245 1.000 32.104 ? 460 GLU B N   1 ? 
ATOM   356 C CA  . GLU B 2 3  ? -6.549  1.911   -15.832 1.000 34.884 ? 460 GLU B CA  1 ? 
ATOM   357 C C   . GLU B 2 3  ? -5.241  1.316   -15.286 1.000 33.193 ? 460 GLU B C   1 ? 
ATOM   358 O O   . GLU B 2 3  ? -5.331  0.581   -14.291 1.000 29.812 ? 460 GLU B O   1 ? 
ATOM   359 C CB  . GLU B 2 3  ? -7.084  1.079   -17.007 1.000 37.275 ? 460 GLU B CB  1 ? 
ATOM   360 C CG  . GLU B 2 3  ? -8.464  1.507   -17.479 1.000 45.576 ? 460 GLU B CG  1 ? 
ATOM   361 C CD  . GLU B 2 3  ? -8.520  2.659   -18.476 1.000 51.003 ? 460 GLU B CD  1 ? 
ATOM   362 O OE1 . GLU B 2 3  ? -7.446  3.221   -18.833 1.000 50.922 ? 460 GLU B OE1 1 ? 
ATOM   363 O OE2 . GLU B 2 3  ? -9.650  3.007   -18.895 1.000 60.413 ? 460 GLU B OE2 1 ? 
ATOM   364 N N   . GLU B 2 4  ? -4.069  1.640   -15.858 1.000 29.984 ? 461 GLU B N   1 ? 
ATOM   365 C CA  A GLU B 2 4  ? -2.743  1.131   -15.415 0.700 33.755 ? 461 GLU B CA  1 ? 
ATOM   366 C CA  B GLU B 2 4  ? -2.741  1.129   -15.413 0.300 31.074 ? 461 GLU B CA  1 ? 
ATOM   367 C C   . GLU B 2 4  ? -2.427  1.687   -14.021 1.000 29.308 ? 461 GLU B C   1 ? 
ATOM   368 O O   . GLU B 2 4  ? -1.888  0.940   -13.198 1.000 29.579 ? 461 GLU B O   1 ? 
ATOM   369 C CB  A GLU B 2 4  ? -1.637  1.512   -16.400 0.700 37.153 ? 461 GLU B CB  1 ? 
ATOM   370 C CB  B GLU B 2 4  ? -1.627  1.520   -16.389 0.300 31.826 ? 461 GLU B CB  1 ? 
ATOM   371 C CG  A GLU B 2 4  ? -0.304  0.861   -16.087 0.700 42.173 ? 461 GLU B CG  1 ? 
ATOM   372 C CG  B GLU B 2 4  ? -0.283  0.888   -16.065 0.300 33.443 ? 461 GLU B CG  1 ? 
ATOM   373 C CD  A GLU B 2 4  ? -0.155  -0.607  -16.462 0.700 45.416 ? 461 GLU B CD  1 ? 
ATOM   374 C CD  B GLU B 2 4  ? 0.813   1.199   -17.071 0.300 33.938 ? 461 GLU B CD  1 ? 
ATOM   375 O OE1 A GLU B 2 4  ? -1.188  -1.287  -16.684 0.700 44.720 ? 461 GLU B OE1 1 ? 
ATOM   376 O OE1 B GLU B 2 4  ? 0.470   1.662   -18.176 0.300 37.878 ? 461 GLU B OE1 1 ? 
ATOM   377 O OE2 A GLU B 2 4  ? 1.003   -1.061  -16.546 0.700 50.705 ? 461 GLU B OE2 1 ? 
ATOM   378 O OE2 B GLU B 2 4  ? 2.006   0.996   -16.740 0.300 32.174 ? 461 GLU B OE2 1 ? 
ATOM   379 N N   . ASN B 2 5  ? -2.686  2.967   -13.839 1.000 25.920 ? 462 ASN B N   1 ? 
ATOM   380 C CA  . ASN B 2 5  ? -2.487  3.620   -12.523 1.000 25.235 ? 462 ASN B CA  1 ? 
ATOM   381 C C   . ASN B 2 5  ? -3.404  2.939   -11.496 1.000 22.696 ? 462 ASN B C   1 ? 
ATOM   382 O O   . ASN B 2 5  ? -2.892  2.617   -10.399 1.000 23.332 ? 462 ASN B O   1 ? 
ATOM   383 C CB  . ASN B 2 5  ? -2.777  5.110   -12.560 1.000 24.754 ? 462 ASN B CB  1 ? 
ATOM   384 C CG  . ASN B 2 5  ? -1.744  5.889   -13.358 1.000 31.417 ? 462 ASN B CG  1 ? 
ATOM   385 O OD1 . ASN B 2 5  ? -0.527  5.692   -13.198 1.000 29.860 ? 462 ASN B OD1 1 ? 
ATOM   386 N ND2 . ASN B 2 5  ? -2.248  6.793   -14.182 1.000 29.663 ? 462 ASN B ND2 1 ? 
ATOM   387 N N   . LEU B 2 6  ? -4.674  2.703   -11.800 1.000 21.437 ? 463 LEU B N   1 ? 
ATOM   388 C CA  . LEU B 2 6  ? -5.577  2.069   -10.817 1.000 22.646 ? 463 LEU B CA  1 ? 
ATOM   389 C C   . LEU B 2 6  ? -5.124  0.632   -10.588 1.000 24.283 ? 463 LEU B C   1 ? 
ATOM   390 O O   . LEU B 2 6  ? -5.254  0.155   -9.459  1.000 24.754 ? 463 LEU B O   1 ? 
ATOM   391 C CB  . LEU B 2 6  ? -7.025  2.147   -11.279 1.000 24.737 ? 463 LEU B CB  1 ? 
ATOM   392 C CG  . LEU B 2 6  ? -7.571  3.569   -11.353 1.000 24.495 ? 463 LEU B CG  1 ? 
ATOM   393 C CD1 . LEU B 2 6  ? -9.024  3.595   -11.799 1.000 30.849 ? 463 LEU B CD1 1 ? 
ATOM   394 C CD2 . LEU B 2 6  ? -7.399  4.266   -10.021 1.000 24.971 ? 463 LEU B CD2 1 ? 
ATOM   395 N N   . LYS B 2 7  ? -4.654  -0.090  -11.599 1.000 27.478 ? 464 LYS B N   1 ? 
ATOM   396 C CA  . LYS B 2 7  ? -4.132  -1.465  -11.411 1.000 27.182 ? 464 LYS B CA  1 ? 
ATOM   397 C C   . LYS B 2 7  ? -2.957  -1.451  -10.428 1.000 25.082 ? 464 LYS B C   1 ? 
ATOM   398 O O   . LYS B 2 7  ? -2.877  -2.332  -9.558  1.000 25.480 ? 464 LYS B O   1 ? 
ATOM   399 C CB  . LYS B 2 7  ? -3.771  -2.055  -12.784 1.000 29.607 ? 464 LYS B CB  1 ? 
ATOM   400 C CG  . LYS B 2 7  ? -3.185  -3.449  -12.782 1.000 37.265 ? 464 LYS B CG  1 ? 
ATOM   401 C CD  . LYS B 2 7  ? -3.007  -3.989  -14.194 1.000 41.899 ? 464 LYS B CD  1 ? 
ATOM   402 C CE  . LYS B 2 7  ? -2.820  -5.492  -14.241 1.000 44.420 ? 464 LYS B CE  1 ? 
ATOM   403 N NZ  . LYS B 2 7  ? -1.409  -5.876  -13.995 1.000 46.759 ? 464 LYS B NZ  1 ? 
ATOM   404 N N   . LYS B 2 8  ? -2.012  -0.574  -10.631 1.000 25.063 ? 465 LYS B N   1 ? 
ATOM   405 C CA  A LYS B 2 8  ? -0.816  -0.468  -9.774  0.700 26.170 ? 465 LYS B CA  1 ? 
ATOM   406 C CA  B LYS B 2 8  ? -0.813  -0.446  -9.773  0.300 24.820 ? 465 LYS B CA  1 ? 
ATOM   407 C C   . LYS B 2 8  ? -1.275  -0.099  -8.349  1.000 23.523 ? 465 LYS B C   1 ? 
ATOM   408 O O   . LYS B 2 8  ? -0.772  -0.728  -7.391  1.000 24.126 ? 465 LYS B O   1 ? 
ATOM   409 C CB  A LYS B 2 8  ? 0.188   0.534   -10.345 0.700 27.265 ? 465 LYS B CB  1 ? 
ATOM   410 C CB  B LYS B 2 8  ? 0.141   0.614   -10.327 0.300 24.762 ? 465 LYS B CB  1 ? 
ATOM   411 C CG  A LYS B 2 8  ? 0.994   0.012   -11.529 0.700 32.268 ? 465 LYS B CG  1 ? 
ATOM   412 C CG  B LYS B 2 8  ? 1.553   0.567   -9.762  0.300 25.805 ? 465 LYS B CG  1 ? 
ATOM   413 C CD  A LYS B 2 8  ? 1.600   1.082   -12.401 0.700 35.430 ? 465 LYS B CD  1 ? 
ATOM   414 C CD  B LYS B 2 8  ? 2.449   -0.432  -10.471 0.300 27.624 ? 465 LYS B CD  1 ? 
ATOM   415 C CE  A LYS B 2 8  ? 2.193   0.483   -13.667 0.700 35.216 ? 465 LYS B CE  1 ? 
ATOM   416 C CE  B LYS B 2 8  ? 3.905   -0.272  -10.090 0.300 28.661 ? 465 LYS B CE  1 ? 
ATOM   417 N NZ  A LYS B 2 8  ? 2.435   1.503   -14.720 0.700 36.237 ? 465 LYS B NZ  1 ? 
ATOM   418 N NZ  B LYS B 2 8  ? 4.040   0.205   -8.696  0.300 28.970 ? 465 LYS B NZ  1 ? 
ATOM   419 N N   . ALA B 2 9  ? -2.258  0.781   -8.207  1.000 22.640 ? 466 ALA B N   1 ? 
ATOM   420 C CA  . ALA B 2 9  ? -2.764  1.152   -6.873  1.000 20.997 ? 466 ALA B CA  1 ? 
ATOM   421 C C   . ALA B 2 9  ? -3.328  -0.101  -6.219  1.000 21.281 ? 466 ALA B C   1 ? 
ATOM   422 O O   . ALA B 2 9  ? -3.047  -0.336  -5.010  1.000 21.276 ? 466 ALA B O   1 ? 
ATOM   423 C CB  . ALA B 2 9  ? -3.783  2.236   -6.949  1.000 20.454 ? 466 ALA B CB  1 ? 
ATOM   424 N N   . GLU B 2 10 ? -4.188  -0.840  -6.920  1.000 21.966 ? 467 GLU B N   1 ? 
ATOM   425 C CA  . GLU B 2 10 ? -4.817  -2.072  -6.362  1.000 24.552 ? 467 GLU B CA  1 ? 
ATOM   426 C C   . GLU B 2 10 ? -3.732  -3.082  -5.935  1.000 25.286 ? 467 GLU B C   1 ? 
ATOM   427 O O   . GLU B 2 10 ? -3.864  -3.700  -4.828  1.000 24.758 ? 467 GLU B O   1 ? 
ATOM   428 C CB  . GLU B 2 10 ? -5.693  -2.697  -7.447  1.000 26.981 ? 467 GLU B CB  1 ? 
ATOM   429 C CG  . GLU B 2 10 ? -6.650  -3.766  -6.933  1.000 34.550 ? 467 GLU B CG  1 ? 
ATOM   430 C CD  . GLU B 2 10 ? -7.398  -4.493  -8.052  1.000 44.335 ? 467 GLU B CD  1 ? 
ATOM   431 O OE1 . GLU B 2 10 ? -6.724  -5.081  -8.941  1.000 50.990 ? 467 GLU B OE1 1 ? 
ATOM   432 O OE2 . GLU B 2 10 ? -8.654  -4.468  -8.051  1.000 54.048 ? 467 GLU B OE2 1 ? 
ATOM   433 N N   . GLU B 2 11 ? -2.669  -3.233  -6.715  1.000 23.093 ? 468 GLU B N   1 ? 
ATOM   434 C CA  . GLU B 2 11 ? -1.562  -4.153  -6.393  1.000 24.533 ? 468 GLU B CA  1 ? 
ATOM   435 C C   . GLU B 2 11 ? -0.919  -3.719  -5.071  1.000 24.479 ? 468 GLU B C   1 ? 
ATOM   436 O O   . GLU B 2 11 ? -0.571  -4.569  -4.239  1.000 25.044 ? 468 GLU B O   1 ? 
ATOM   437 C CB  . GLU B 2 11 ? -0.513  -4.181  -7.505  1.000 27.543 ? 468 GLU B CB  1 ? 
ATOM   438 C CG  . GLU B 2 11 ? -0.935  -4.999  -8.705  1.000 32.688 ? 468 GLU B CG  1 ? 
ATOM   439 C CD  . GLU B 2 11 ? -0.074  -4.791  -9.941  1.000 37.442 ? 468 GLU B CD  1 ? 
ATOM   440 O OE1 . GLU B 2 11 ? 0.959   -4.103  -9.860  1.000 40.562 ? 468 GLU B OE1 1 ? 
ATOM   441 O OE2 . GLU B 2 11 ? -0.447  -5.355  -11.002 1.000 48.674 ? 468 GLU B OE2 1 ? 
ATOM   442 N N   . LYS B 2 12 ? -0.672  -2.426  -4.923  1.000 23.136 ? 469 LYS B N   1 ? 
ATOM   443 C CA  A LYS B 2 12 ? -0.006  -1.906  -3.700  0.700 22.397 ? 469 LYS B CA  1 ? 
ATOM   444 C CA  B LYS B 2 12 ? 0.003   -1.908  -3.700  0.300 21.596 ? 469 LYS B CA  1 ? 
ATOM   445 C C   . LYS B 2 12 ? -0.934  -2.073  -2.490  1.000 20.191 ? 469 LYS B C   1 ? 
ATOM   446 O O   . LYS B 2 12 ? -0.425  -2.370  -1.416  1.000 20.452 ? 469 LYS B O   1 ? 
ATOM   447 C CB  A LYS B 2 12 ? 0.431   -0.467  -3.933  0.700 21.179 ? 469 LYS B CB  1 ? 
ATOM   448 C CB  B LYS B 2 12 ? 0.485   -0.475  -3.925  0.300 20.668 ? 469 LYS B CB  1 ? 
ATOM   449 C CG  A LYS B 2 12 ? 1.546   -0.349  -4.968  0.700 26.185 ? 469 LYS B CG  1 ? 
ATOM   450 C CG  B LYS B 2 12 ? 1.604   -0.344  -4.961  0.300 22.064 ? 469 LYS B CG  1 ? 
ATOM   451 C CD  A LYS B 2 12 ? 2.780   -1.137  -4.593  0.700 30.560 ? 469 LYS B CD  1 ? 
ATOM   452 C CD  B LYS B 2 12 ? 3.001   -0.190  -4.380  0.300 23.187 ? 469 LYS B CD  1 ? 
ATOM   453 C CE  A LYS B 2 12 ? 3.968   -0.875  -5.500  0.700 35.461 ? 469 LYS B CE  1 ? 
ATOM   454 C CE  B LYS B 2 12 ? 3.660   -1.508  -4.030  0.300 23.912 ? 469 LYS B CE  1 ? 
ATOM   455 N NZ  A LYS B 2 12 ? 3.953   0.490   -6.081  0.700 37.662 ? 469 LYS B NZ  1 ? 
ATOM   456 N NZ  B LYS B 2 12 ? 5.027   -1.591  -4.598  0.300 24.288 ? 469 LYS B NZ  1 ? 
ATOM   457 N N   . LEU B 2 13 ? -2.225  -1.886  -2.653  1.000 19.261 ? 470 LEU B N   1 ? 
ATOM   458 C CA  . LEU B 2 13 ? -3.193  -2.099  -1.533  1.000 18.912 ? 470 LEU B CA  1 ? 
ATOM   459 C C   . LEU B 2 13 ? -3.221  -3.572  -1.126  1.000 20.154 ? 470 LEU B C   1 ? 
ATOM   460 O O   . LEU B 2 13 ? -3.393  -3.898  0.065   1.000 21.218 ? 470 LEU B O   1 ? 
ATOM   461 C CB  . LEU B 2 13 ? -4.574  -1.551  -1.859  1.000 18.987 ? 470 LEU B CB  1 ? 
ATOM   462 C CG  . LEU B 2 13 ? -4.701  -0.031  -2.049  1.000 18.340 ? 470 LEU B CG  1 ? 
ATOM   463 C CD1 . LEU B 2 13 ? -6.129  0.347   -2.267  1.000 20.953 ? 470 LEU B CD1 1 ? 
ATOM   464 C CD2 . LEU B 2 13 ? -4.126  0.738   -0.870  1.000 17.424 ? 470 LEU B CD2 1 ? 
ATOM   465 N N   . LYS B 2 14 ? -3.077  -4.469  -2.110  1.000 21.725 ? 471 LYS B N   1 ? 
ATOM   466 C CA  A LYS B 2 14 ? -3.004  -5.915  -1.767  0.700 22.829 ? 471 LYS B CA  1 ? 
ATOM   467 C CA  B LYS B 2 14 ? -2.973  -5.932  -1.826  0.300 22.055 ? 471 LYS B CA  1 ? 
ATOM   468 C C   . LYS B 2 14 ? -1.700  -6.235  -1.030  1.000 21.041 ? 471 LYS B C   1 ? 
ATOM   469 O O   . LYS B 2 14 ? -1.761  -7.021  -0.059  1.000 23.386 ? 471 LYS B O   1 ? 
ATOM   470 C CB  A LYS B 2 14 ? -3.173  -6.743  -3.047  0.700 25.752 ? 471 LYS B CB  1 ? 
ATOM   471 C CB  B LYS B 2 14 ? -2.956  -6.748  -3.127  0.300 22.672 ? 471 LYS B CB  1 ? 
ATOM   472 C CG  A LYS B 2 14 ? -4.585  -6.806  -3.598  0.700 30.075 ? 471 LYS B CG  1 ? 
ATOM   473 C CG  B LYS B 2 14 ? -3.175  -8.250  -2.952  0.300 24.762 ? 471 LYS B CG  1 ? 
ATOM   474 C CD  A LYS B 2 14 ? -4.648  -7.676  -4.850  0.700 33.512 ? 471 LYS B CD  1 ? 
ATOM   475 C CD  B LYS B 2 14 ? -4.617  -8.698  -3.108  0.300 25.109 ? 471 LYS B CD  1 ? 
ATOM   476 C CE  A LYS B 2 14 ? -5.922  -7.547  -5.663  0.700 36.349 ? 471 LYS B CE  1 ? 
ATOM   477 C CE  B LYS B 2 14 ? -4.750  -10.205 -3.073  0.300 26.004 ? 471 LYS B CE  1 ? 
ATOM   478 N NZ  A LYS B 2 14 ? -5.689  -8.004  -7.059  0.700 39.304 ? 471 LYS B NZ  1 ? 
ATOM   479 N NZ  B LYS B 2 14 ? -3.946  -10.766 -1.963  0.300 26.522 ? 471 LYS B NZ  1 ? 
ATOM   480 N N   . LYS B 2 15 ? -0.581  -5.698  -1.442  1.000 22.115 ? 472 LYS B N   1 ? 
ATOM   481 C CA  A LYS B 2 15 ? 0.694   -5.896  -0.711  0.330 23.422 ? 472 LYS B CA  1 ? 
ATOM   482 C CA  B LYS B 2 15 ? 0.695   -5.890  -0.714  0.330 22.556 ? 472 LYS B CA  1 ? 
ATOM   483 C CA  C LYS B 2 15 ? 0.712   -5.842  -0.735  0.330 23.103 ? 472 LYS B CA  1 ? 
ATOM   484 C C   . LYS B 2 15 ? 0.545   -5.320  0.705   1.000 22.039 ? 472 LYS B C   1 ? 
ATOM   485 O O   . LYS B 2 15 ? 0.979   -5.988  1.666   1.000 22.531 ? 472 LYS B O   1 ? 
ATOM   486 C CB  A LYS B 2 15 ? 1.909   -5.270  -1.397  0.330 25.525 ? 472 LYS B CB  1 ? 
ATOM   487 C CB  B LYS B 2 15 ? 1.884   -5.249  -1.430  0.330 23.475 ? 472 LYS B CB  1 ? 
ATOM   488 C CB  C LYS B 2 15 ? 1.793   -5.100  -1.522  0.330 25.640 ? 472 LYS B CB  1 ? 
ATOM   489 C CG  A LYS B 2 15 ? 3.218   -5.999  -1.131  0.330 28.478 ? 472 LYS B CG  1 ? 
ATOM   490 C CG  B LYS B 2 15 ? 3.232   -5.425  -0.747  0.330 24.804 ? 472 LYS B CG  1 ? 
ATOM   491 C CG  C LYS B 2 15 ? 3.181   -5.060  -0.906  0.330 26.623 ? 472 LYS B CG  1 ? 
ATOM   492 C CD  A LYS B 2 15 ? 4.457   -5.109  -1.099  0.330 30.887 ? 472 LYS B CD  1 ? 
ATOM   493 C CD  B LYS B 2 15 ? 3.654   -6.873  -0.588  0.330 24.413 ? 472 LYS B CD  1 ? 
ATOM   494 C CD  C LYS B 2 15 ? 4.167   -4.305  -1.764  0.330 28.261 ? 472 LYS B CD  1 ? 
ATOM   495 C CE  A LYS B 2 15 ? 4.489   -4.043  -2.180  0.330 31.867 ? 472 LYS B CE  1 ? 
ATOM   496 C CE  B LYS B 2 15 ? 5.084   -7.012  -0.108  0.330 26.845 ? 472 LYS B CE  1 ? 
ATOM   497 C CE  C LYS B 2 15 ? 5.591   -4.413  -1.267  0.330 29.319 ? 472 LYS B CE  1 ? 
ATOM   498 N NZ  A LYS B 2 15 ? 4.523   -4.616  -3.548  0.330 31.746 ? 472 LYS B NZ  1 ? 
ATOM   499 N NZ  B LYS B 2 15 ? 6.039   -6.365  -1.038  0.330 28.461 ? 472 LYS B NZ  1 ? 
ATOM   500 N NZ  C LYS B 2 15 ? 6.507   -3.571  -2.068  0.330 31.144 ? 472 LYS B NZ  1 ? 
ATOM   501 N N   . ALA B 2 16 ? -0.087  -4.149  0.864   1.000 21.213 ? 473 ALA B N   1 ? 
ATOM   502 C CA  . ALA B 2 16 ? -0.298  -3.594  2.220   1.000 18.514 ? 473 ALA B CA  1 ? 
ATOM   503 C C   . ALA B 2 16 ? -1.095  -4.574  3.088   1.000 19.871 ? 473 ALA B C   1 ? 
ATOM   504 O O   . ALA B 2 16 ? -0.796  -4.726  4.252   1.000 18.802 ? 473 ALA B O   1 ? 
ATOM   505 C CB  . ALA B 2 16 ? -0.971  -2.249  2.093   1.000 18.134 ? 473 ALA B CB  1 ? 
ATOM   506 N N   . GLU B 2 17 ? -2.145  -5.197  2.546   1.000 19.845 ? 474 GLU B N   1 ? 
ATOM   507 C CA  . GLU B 2 17 ? -2.951  -6.152  3.339   1.000 20.591 ? 474 GLU B CA  1 ? 
ATOM   508 C C   . GLU B 2 17 ? -2.082  -7.334  3.797   1.000 21.099 ? 474 GLU B C   1 ? 
ATOM   509 O O   . GLU B 2 17 ? -2.179  -7.721  4.947   1.000 22.519 ? 474 GLU B O   1 ? 
ATOM   510 C CB  . GLU B 2 17 ? -4.114  -6.685  2.499   1.000 22.777 ? 474 GLU B CB  1 ? 
ATOM   511 C CG  . GLU B 2 17 ? -5.092  -7.473  3.315   1.000 26.080 ? 474 GLU B CG  1 ? 
ATOM   512 C CD  . GLU B 2 17 ? -6.267  -8.011  2.523   1.000 32.463 ? 474 GLU B CD  1 ? 
ATOM   513 O OE1 . GLU B 2 17 ? -6.037  -8.250  1.327   1.000 35.211 ? 474 GLU B OE1 1 ? 
ATOM   514 O OE2 . GLU B 2 17 ? -7.369  -8.192  3.126   1.000 36.868 ? 474 GLU B OE2 1 ? 
ATOM   515 N N   . GLU B 2 18 ? -1.264  -7.842  2.889   1.000 21.585 ? 475 GLU B N   1 ? 
ATOM   516 C CA  . GLU B 2 18 ? -0.334  -8.965  3.189   1.000 22.141 ? 475 GLU B CA  1 ? 
ATOM   517 C C   . GLU B 2 18 ? 0.596   -8.580  4.337   1.000 22.805 ? 475 GLU B C   1 ? 
ATOM   518 O O   . GLU B 2 18 ? 0.757   -9.330  5.326   1.000 21.988 ? 475 GLU B O   1 ? 
ATOM   519 C CB  . GLU B 2 18 ? 0.465   -9.278  1.935   1.000 25.616 ? 475 GLU B CB  1 ? 
ATOM   520 C CG  . GLU B 2 18 ? 1.314   -10.507 2.082   1.000 31.714 ? 475 GLU B CG  1 ? 
ATOM   521 C CD  . GLU B 2 18 ? 1.748   -10.915 0.693   1.000 33.713 ? 475 GLU B CD  1 ? 
ATOM   522 O OE1 . GLU B 2 18 ? 0.883   -11.438 -0.087  1.000 39.852 ? 475 GLU B OE1 1 ? 
ATOM   523 O OE2 . GLU B 2 18 ? 2.902   -10.658 0.383   1.000 34.346 ? 475 GLU B OE2 1 ? 
ATOM   524 N N   . LEU B 2 19 ? 1.145   -7.365  4.258   1.000 21.860 ? 476 LEU B N   1 ? 
ATOM   525 C CA  . LEU B 2 19 ? 2.076   -6.872  5.284   1.000 20.432 ? 476 LEU B CA  1 ? 
ATOM   526 C C   . LEU B 2 19 ? 1.343   -6.623  6.610   1.000 18.923 ? 476 LEU B C   1 ? 
ATOM   527 O O   . LEU B 2 19 ? 1.902   -6.954  7.619   1.000 20.355 ? 476 LEU B O   1 ? 
ATOM   528 C CB  . LEU B 2 19 ? 2.810   -5.632  4.774   1.000 20.118 ? 476 LEU B CB  1 ? 
ATOM   529 C CG  . LEU B 2 19 ? 3.782   -5.927  3.643   1.000 22.410 ? 476 LEU B CG  1 ? 
ATOM   530 C CD1 . LEU B 2 19 ? 4.085   -4.653  2.873   1.000 22.702 ? 476 LEU B CD1 1 ? 
ATOM   531 C CD2 . LEU B 2 19 ? 5.045   -6.540  4.177   1.000 24.477 ? 476 LEU B CD2 1 ? 
ATOM   532 N N   . LEU B 2 20 ? 0.128   -6.137  6.587   1.000 18.254 ? 477 LEU B N   1 ? 
ATOM   533 C CA  . LEU B 2 20 ? -0.595  -5.960  7.846   1.000 17.763 ? 477 LEU B CA  1 ? 
ATOM   534 C C   . LEU B 2 20 ? -0.841  -7.332  8.491   1.000 19.057 ? 477 LEU B C   1 ? 
ATOM   535 O O   . LEU B 2 20 ? -0.808  -7.443  9.730   1.000 20.294 ? 477 LEU B O   1 ? 
ATOM   536 C CB  . LEU B 2 20 ? -1.906  -5.255  7.662   1.000 18.267 ? 477 LEU B CB  1 ? 
ATOM   537 C CG  . LEU B 2 20 ? -1.778  -3.765  7.349   1.000 17.040 ? 477 LEU B CG  1 ? 
ATOM   538 C CD1 . LEU B 2 20 ? -3.152  -3.244  7.005   1.000 21.266 ? 477 LEU B CD1 1 ? 
ATOM   539 C CD2 . LEU B 2 20 ? -1.212  -3.032  8.565   1.000 18.947 ? 477 LEU B CD2 1 ? 
ATOM   540 N N   . LYS B 2 21 ? -1.270  -8.323  7.705   1.000 20.981 ? 478 LYS B N   1 ? 
ATOM   541 C CA  A LYS B 2 21 ? -1.505  -9.682  8.295   0.600 22.212 ? 478 LYS B CA  1 ? 
ATOM   542 C CA  B LYS B 2 21 ? -1.487  -9.690  8.273   0.400 21.710 ? 478 LYS B CA  1 ? 
ATOM   543 C C   . LYS B 2 21 ? -0.187  -10.206 8.883   1.000 22.448 ? 478 LYS B C   1 ? 
ATOM   544 O O   . LYS B 2 21 ? -0.256  -10.810 9.990   1.000 23.635 ? 478 LYS B O   1 ? 
ATOM   545 C CB  A LYS B 2 21 ? -2.111  -10.580 7.216   0.600 25.520 ? 478 LYS B CB  1 ? 
ATOM   546 C CB  B LYS B 2 21 ? -2.011  -10.635 7.194   0.400 23.329 ? 478 LYS B CB  1 ? 
ATOM   547 C CG  A LYS B 2 21 ? -2.833  -11.828 7.703   0.600 30.007 ? 478 LYS B CG  1 ? 
ATOM   548 C CG  B LYS B 2 21 ? -3.494  -10.469 6.946   0.400 25.069 ? 478 LYS B CG  1 ? 
ATOM   549 C CD  A LYS B 2 21 ? -3.415  -12.656 6.555   0.600 32.211 ? 478 LYS B CD  1 ? 
ATOM   550 C CD  B LYS B 2 21 ? -3.994  -11.012 5.643   0.400 26.935 ? 478 LYS B CD  1 ? 
ATOM   551 C CE  A LYS B 2 21 ? -3.686  -11.846 5.301   0.600 38.210 ? 478 LYS B CE  1 ? 
ATOM   552 C CE  B LYS B 2 21 ? -5.408  -10.547 5.363   0.400 28.050 ? 478 LYS B CE  1 ? 
ATOM   553 N NZ  A LYS B 2 21 ? -4.332  -12.649 4.233   0.600 40.834 ? 478 LYS B NZ  1 ? 
ATOM   554 N NZ  B LYS B 2 21 ? -5.806  -10.793 3.965   0.400 29.051 ? 478 LYS B NZ  1 ? 
ATOM   555 N N   . LYS B 2 22 ? 0.933   -9.982  8.256   1.000 21.197 ? 479 LYS B N   1 ? 
ATOM   556 C CA  . LYS B 2 22 ? 2.234   -10.412 8.759   1.000 23.757 ? 479 LYS B CA  1 ? 
ATOM   557 C C   . LYS B 2 22 ? 2.512   -9.697  10.075  1.000 23.192 ? 479 LYS B C   1 ? 
ATOM   558 O O   . LYS B 2 22 ? 2.969   -10.318 11.022  1.000 23.451 ? 479 LYS B O   1 ? 
ATOM   559 C CB  . LYS B 2 22 ? 3.379   -10.137 7.793   1.000 26.708 ? 479 LYS B CB  1 ? 
ATOM   560 C CG  . LYS B 2 22 ? 3.520   -11.039 6.575   1.000 33.967 ? 479 LYS B CG  1 ? 
ATOM   561 C CD  . LYS B 2 22 ? 4.719   -10.628 5.744   1.000 30.437 ? 479 LYS B CD  1 ? 
ATOM   562 C CE  . LYS B 2 22 ? 4.897   -11.346 4.438   1.000 39.879 ? 479 LYS B CE  1 ? 
ATOM   563 N NZ  . LYS B 2 22 ? 6.160   -10.902 3.797   1.000 37.359 ? 479 LYS B NZ  1 ? 
ATOM   564 N N   . SER B 2 23 ? 2.318   -8.359  10.123  1.000 20.842 ? 480 SER B N   1 ? 
ATOM   565 C CA  . SER B 2 23 ? 2.507   -7.596  11.370  1.000 19.023 ? 480 SER B CA  1 ? 
ATOM   566 C C   . SER B 2 23 ? 1.670   -8.205  12.494  1.000 20.466 ? 480 SER B C   1 ? 
ATOM   567 O O   . SER B 2 23 ? 2.184   -8.335  13.607  1.000 20.389 ? 480 SER B O   1 ? 
ATOM   568 C CB  . SER B 2 23 ? 2.190   -6.133  11.100  1.000 17.154 ? 480 SER B CB  1 ? 
ATOM   569 O OG  . SER B 2 23 ? 2.365   -5.448  12.314  1.000 17.847 ? 480 SER B OG  1 ? 
ATOM   570 N N   . GLU B 2 24 ? 0.413   -8.424  12.251  1.000 20.209 ? 481 GLU B N   1 ? 
ATOM   571 C CA  A GLU B 2 24 ? -0.521  -9.032  13.238  0.600 21.662 ? 481 GLU B CA  1 ? 
ATOM   572 C CA  B GLU B 2 24 ? -0.508  -9.011  13.268  0.400 23.581 ? 481 GLU B CA  1 ? 
ATOM   573 C C   . GLU B 2 24 ? -0.002  -10.396 13.703  1.000 23.226 ? 481 GLU B C   1 ? 
ATOM   574 O O   . GLU B 2 24 ? -0.102  -10.655 14.909  1.000 25.391 ? 481 GLU B O   1 ? 
ATOM   575 C CB  A GLU B 2 24 ? -1.905  -9.153  12.624  0.600 22.573 ? 481 GLU B CB  1 ? 
ATOM   576 C CB  B GLU B 2 24 ? -1.946  -9.049  12.755  0.400 26.556 ? 481 GLU B CB  1 ? 
ATOM   577 C CG  A GLU B 2 24 ? -2.574  -7.799  12.533  0.600 23.443 ? 481 GLU B CG  1 ? 
ATOM   578 C CG  B GLU B 2 24 ? -2.645  -7.704  12.886  0.400 30.252 ? 481 GLU B CG  1 ? 
ATOM   579 C CD  A GLU B 2 24 ? -2.850  -7.212  13.905  0.600 24.039 ? 481 GLU B CD  1 ? 
ATOM   580 C CD  B GLU B 2 24 ? -3.416  -7.255  11.654  0.400 32.709 ? 481 GLU B CD  1 ? 
ATOM   581 O OE1 A GLU B 2 24 ? -3.361  -7.936  14.792  0.600 21.822 ? 481 GLU B OE1 1 ? 
ATOM   582 O OE1 B GLU B 2 24 ? -3.799  -8.119  10.847  0.400 40.359 ? 481 GLU B OE1 1 ? 
ATOM   583 O OE2 A GLU B 2 24 ? -2.493  -6.108  14.156  0.600 21.714 ? 481 GLU B OE2 1 ? 
ATOM   584 O OE2 B GLU B 2 24 ? -3.601  -6.037  11.484  0.400 38.213 ? 481 GLU B OE2 1 ? 
ATOM   585 N N   . GLU B 2 25 ? 0.518   -11.200 12.788  1.000 23.232 ? 482 GLU B N   1 ? 
ATOM   586 C CA  A GLU B 2 25 ? 1.013   -12.557 13.151  0.500 24.522 ? 482 GLU B CA  1 ? 
ATOM   587 C CA  B GLU B 2 25 ? 1.029   -12.561 13.134  0.500 25.360 ? 482 GLU B CA  1 ? 
ATOM   588 C C   . GLU B 2 25 ? 2.225   -12.415 14.071  1.000 28.593 ? 482 GLU B C   1 ? 
ATOM   589 O O   . GLU B 2 25 ? 2.236   -13.116 15.108  1.000 28.106 ? 482 GLU B O   1 ? 
ATOM   590 C CB  A GLU B 2 25 ? 1.277   -13.365 11.881  0.500 28.659 ? 482 GLU B CB  1 ? 
ATOM   591 C CB  B GLU B 2 25 ? 1.433   -13.368 11.897  0.500 30.432 ? 482 GLU B CB  1 ? 
ATOM   592 C CG  A GLU B 2 25 ? 0.004   -13.949 11.310  0.500 31.540 ? 482 GLU B CG  1 ? 
ATOM   593 C CG  B GLU B 2 25 ? 1.776   -14.819 12.229  0.500 33.537 ? 482 GLU B CG  1 ? 
ATOM   594 C CD  A GLU B 2 25 ? -0.776  -14.775 12.317  0.500 34.335 ? 482 GLU B CD  1 ? 
ATOM   595 C CD  B GLU B 2 25 ? 2.439   -15.608 11.116  0.500 39.198 ? 482 GLU B CD  1 ? 
ATOM   596 O OE1 A GLU B 2 25 ? -0.223  -15.778 12.816  0.500 32.348 ? 482 GLU B OE1 1 ? 
ATOM   597 O OE1 B GLU B 2 25 ? 2.495   -15.096 9.971   0.500 44.676 ? 482 GLU B OE1 1 ? 
ATOM   598 O OE2 A GLU B 2 25 ? -1.911  -14.384 12.634  0.500 37.368 ? 482 GLU B OE2 1 ? 
ATOM   599 O OE2 B GLU B 2 25 ? 2.901   -16.740 11.397  0.500 42.359 ? 482 GLU B OE2 1 ? 
ATOM   600 N N   . ILE B 2 26 ? 3.171   -11.528 13.767  1.000 26.092 ? 483 ILE B N   1 ? 
ATOM   601 C CA  . ILE B 2 26 ? 4.353   -11.247 14.636  1.000 26.218 ? 483 ILE B CA  1 ? 
ATOM   602 C C   . ILE B 2 26 ? 3.861   -10.819 16.021  1.000 26.596 ? 483 ILE B C   1 ? 
ATOM   603 O O   . ILE B 2 26 ? 4.363   -11.351 17.026  1.000 27.702 ? 483 ILE B O   1 ? 
ATOM   604 C CB  . ILE B 2 26 ? 5.295   -10.220 13.963  1.000 24.124 ? 483 ILE B CB  1 ? 
ATOM   605 C CG1 . ILE B 2 26 ? 5.901   -10.750 12.662  1.000 25.920 ? 483 ILE B CG1 1 ? 
ATOM   606 C CG2 . ILE B 2 26 ? 6.392   -9.738  14.895  1.000 26.282 ? 483 ILE B CG2 1 ? 
ATOM   607 C CD1 . ILE B 2 26 ? 6.545   -9.683  11.807  1.000 26.150 ? 483 ILE B CD1 1 ? 
ATOM   608 N N   . LEU B 2 27 ? 2.880   -9.908  16.112  1.000 25.255 ? 484 LEU B N   1 ? 
ATOM   609 C CA  . LEU B 2 27 ? 2.341   -9.422  17.417  1.000 27.359 ? 484 LEU B CA  1 ? 
ATOM   610 C C   . LEU B 2 27 ? 1.785   -10.576 18.247  1.000 31.438 ? 484 LEU B C   1 ? 
ATOM   611 O O   . LEU B 2 27 ? 1.976   -10.535 19.478  1.000 35.462 ? 484 LEU B O   1 ? 
ATOM   612 C CB  . LEU B 2 27 ? 1.218   -8.408  17.207  1.000 29.696 ? 484 LEU B CB  1 ? 
ATOM   613 C CG  . LEU B 2 27 ? 1.693   -7.033  16.799  1.000 27.884 ? 484 LEU B CG  1 ? 
ATOM   614 C CD1 . LEU B 2 27 ? 0.524   -6.118  16.555  1.000 29.111 ? 484 LEU B CD1 1 ? 
ATOM   615 C CD2 . LEU B 2 27 ? 2.654   -6.451  17.838  1.000 29.491 ? 484 LEU B CD2 1 ? 
ATOM   616 N N   . LYS B 2 28 ? 1.057   -11.501 17.624  1.000 28.822 ? 485 LYS B N   1 ? 
ATOM   617 C CA  . LYS B 2 28 ? 0.484   -12.682 18.322  1.000 33.555 ? 485 LYS B CA  1 ? 
ATOM   618 C C   . LYS B 2 28 ? 1.591   -13.424 19.075  1.000 35.952 ? 485 LYS B C   1 ? 
ATOM   619 O O   . LYS B 2 28 ? 1.289   -13.976 20.156  1.000 42.454 ? 485 LYS B O   1 ? 
ATOM   620 C CB  . LYS B 2 28 ? -0.245  -13.578 17.318  1.000 38.081 ? 485 LYS B CB  1 ? 
ATOM   621 C CG  . LYS B 2 28 ? -1.685  -13.164 17.044  1.000 45.972 ? 485 LYS B CG  1 ? 
ATOM   622 C CD  . LYS B 2 28 ? -2.653  -14.326 16.927  1.000 50.201 ? 485 LYS B CD  1 ? 
ATOM   623 C CE  . LYS B 2 28 ? -2.679  -14.950 15.546  1.000 57.440 ? 485 LYS B CE  1 ? 
ATOM   624 N NZ  . LYS B 2 28 ? -3.500  -14.159 14.595  1.000 59.630 ? 485 LYS B NZ  1 ? 
ATOM   625 N N   . LYS B 2 29 ? 2.822   -13.423 18.572  1.000 34.371 ? 486 LYS B N   1 ? 
ATOM   626 C CA  . LYS B 2 29 ? 3.956   -14.147 19.209  1.000 35.339 ? 486 LYS B CA  1 ? 
ATOM   627 C C   . LYS B 2 29 ? 4.480   -13.362 20.419  1.000 42.399 ? 486 LYS B C   1 ? 
ATOM   628 O O   . LYS B 2 29 ? 5.170   -13.977 21.260  1.000 42.320 ? 486 LYS B O   1 ? 
ATOM   629 C CB  . LYS B 2 29 ? 5.095   -14.360 18.208  1.000 34.709 ? 486 LYS B CB  1 ? 
ATOM   630 C CG  . LYS B 2 29 ? 4.705   -14.977 16.875  1.000 38.856 ? 486 LYS B CG  1 ? 
ATOM   631 C CD  . LYS B 2 29 ? 5.902   -15.120 15.939  1.000 43.228 ? 486 LYS B CD  1 ? 
ATOM   632 C CE  . LYS B 2 29 ? 5.545   -15.251 14.466  1.000 48.314 ? 486 LYS B CE  1 ? 
ATOM   633 N NZ  . LYS B 2 29 ? 4.746   -16.472 14.184  1.000 49.037 ? 486 LYS B NZ  1 ? 
HETATM 634 N N   . NH2 B 2 30 ? 4.216   -12.131 20.480  1.000 43.316 ? 487 NH2 B N   1 ? 
HETATM 635 C C1  A MPD C 3 .  ? -4.921  -5.248  11.111  0.600 27.615 ? 501 MPD B C1  1 ? 
HETATM 636 C C2  A MPD C 3 .  ? -6.096  -6.090  10.627  0.600 28.580 ? 501 MPD B C2  1 ? 
HETATM 637 O O2  A MPD C 3 .  ? -6.085  -7.378  11.271  0.600 30.021 ? 501 MPD B O2  1 ? 
HETATM 638 C CM  A MPD C 3 .  ? -7.415  -5.438  10.998  0.600 28.341 ? 501 MPD B CM  1 ? 
HETATM 639 C C3  A MPD C 3 .  ? -6.049  -6.306  9.112   0.600 33.122 ? 501 MPD B C3  1 ? 
HETATM 640 C C4  A MPD C 3 .  ? -4.975  -7.179  8.569   0.600 34.123 ? 501 MPD B C4  1 ? 
HETATM 641 O O4  A MPD C 3 .  ? -5.008  -8.422  9.231   0.600 36.983 ? 501 MPD B O4  1 ? 
HETATM 642 C C5  A MPD C 3 .  ? -5.110  -7.371  7.081   0.600 34.228 ? 501 MPD B C5  1 ? 
HETATM 643 O O   . HOH D 4 .  ? -0.752  15.040  -16.296 1.000 49.034 ? 201 HOH A O   1 ? 
HETATM 644 O O   A HOH D 4 .  ? -12.154 19.519  -14.570 0.700 50.057 ? 202 HOH A O   1 ? 
HETATM 645 O O   . HOH D 4 .  ? 15.289  -5.463  22.018  1.000 55.835 ? 203 HOH A O   1 ? 
HETATM 646 O O   . HOH D 4 .  ? 7.408   6.737   -4.238  1.000 49.469 ? 204 HOH A O   1 ? 
HETATM 647 O O   . HOH D 4 .  ? 0.293   13.078  -14.238 1.000 38.600 ? 205 HOH A O   1 ? 
HETATM 648 O O   . HOH D 4 .  ? -5.908  18.700  -16.892 1.000 41.612 ? 206 HOH A O   1 ? 
HETATM 649 O O   . HOH D 4 .  ? 12.216  -0.703  5.423   1.000 53.094 ? 207 HOH A O   1 ? 
HETATM 650 O O   . HOH D 4 .  ? -5.235  10.575  -19.626 1.000 50.787 ? 208 HOH A O   1 ? 
HETATM 651 O O   . HOH D 4 .  ? 3.766   6.692   -8.617  1.000 40.111 ? 209 HOH A O   1 ? 
HETATM 652 O O   . HOH D 4 .  ? 8.680   -8.410  7.857   1.000 41.735 ? 210 HOH A O   1 ? 
HETATM 653 O O   . HOH D 4 .  ? 10.156  5.259   -0.383  1.000 42.316 ? 211 HOH A O   1 ? 
HETATM 654 O O   . HOH D 4 .  ? 13.620  -7.114  15.668  1.000 39.054 ? 212 HOH A O   1 ? 
HETATM 655 O O   . HOH D 4 .  ? 6.549   -1.483  1.207   1.000 35.994 ? 213 HOH A O   1 ? 
HETATM 656 O O   . HOH D 4 .  ? 1.893   10.926  -7.880  1.000 40.735 ? 214 HOH A O   1 ? 
HETATM 657 O O   . HOH D 4 .  ? 5.715   -0.715  -1.408  1.000 43.451 ? 215 HOH A O   1 ? 
HETATM 658 O O   . HOH D 4 .  ? -5.005  17.929  -21.347 1.000 46.360 ? 216 HOH A O   1 ? 
HETATM 659 O O   . HOH D 4 .  ? 10.461  -7.604  10.455  1.000 47.708 ? 217 HOH A O   1 ? 
HETATM 660 O O   . HOH D 4 .  ? -3.472  20.352  -14.146 1.000 69.605 ? 218 HOH A O   1 ? 
HETATM 661 O O   . HOH D 4 .  ? 11.461  -7.127  4.519   1.000 59.699 ? 219 HOH A O   1 ? 
HETATM 662 O O   . HOH D 4 .  ? 14.582  -9.653  15.453  1.000 60.837 ? 220 HOH A O   1 ? 
HETATM 663 O O   . HOH E 4 .  ? -6.985  -1.125  -14.040 1.000 49.968 ? 601 HOH B O   1 ? 
HETATM 664 O O   . HOH E 4 .  ? 4.603   -9.872  1.980   1.000 40.050 ? 602 HOH B O   1 ? 
HETATM 665 O O   . HOH E 4 .  ? -0.914  3.136   -19.617 1.000 48.523 ? 603 HOH B O   1 ? 
HETATM 666 O O   . HOH E 4 .  ? 1.490   3.751   -15.359 1.000 43.826 ? 604 HOH B O   1 ? 
HETATM 667 O O   . HOH E 4 .  ? -4.550  -10.575 10.915  1.000 51.134 ? 605 HOH B O   1 ? 
HETATM 668 O O   . HOH E 4 .  ? -3.712  -10.732 2.429   1.000 45.846 ? 606 HOH B O   1 ? 
HETATM 669 O O   . HOH E 4 .  ? -1.906  -10.050 16.734  1.000 39.090 ? 607 HOH B O   1 ? 
HETATM 670 O O   . HOH E 4 .  ? -3.384  -9.396  0.237   1.000 39.741 ? 608 HOH B O   1 ? 
HETATM 671 O O   . HOH E 4 .  ? 3.211   -6.132  -5.312  1.000 43.557 ? 609 HOH B O   1 ? 
HETATM 672 O O   . HOH E 4 .  ? 4.510   0.973   -17.671 1.000 52.958 ? 610 HOH B O   1 ? 
HETATM 673 O O   . HOH E 4 .  ? -3.733  -6.302  -7.765  1.000 56.246 ? 611 HOH B O   1 ? 
HETATM 674 O O   . HOH E 4 .  ? 2.882   -3.755  -8.003  1.000 56.929 ? 612 HOH B O   1 ? 
HETATM 675 O O   . HOH E 4 .  ? -1.922  -12.654 2.984   1.000 39.430 ? 613 HOH B O   1 ? 
HETATM 676 O O   . HOH E 4 .  ? 0.225   -13.470 -1.773  1.000 38.655 ? 614 HOH B O   1 ? 
HETATM 677 O O   . HOH E 4 .  ? -2.517  -12.182 10.699  1.000 37.932 ? 615 HOH B O   1 ? 
HETATM 678 O O   . HOH E 4 .  ? -0.847  -10.029 -1.714  1.000 55.074 ? 616 HOH B O   1 ? 
HETATM 679 O O   . HOH E 4 .  ? 1.555   -15.805 15.306  1.000 40.582 ? 617 HOH B O   1 ? 
HETATM 680 O O   . HOH E 4 .  ? 0.337   -12.099 4.821   1.000 33.130 ? 618 HOH B O   1 ? 
HETATM 681 O O   . HOH E 4 .  ? -0.425  5.189   -16.734 1.000 45.284 ? 619 HOH B O   1 ? 
HETATM 682 O O   . HOH E 4 .  ? 0.953   -6.961  -4.761  1.000 35.873 ? 620 HOH B O   1 ? 
HETATM 683 O O   . HOH E 4 .  ? -6.153  6.972   -19.628 1.000 57.440 ? 621 HOH B O   1 ? 
HETATM 684 O O   . HOH E 4 .  ? -6.659  -4.004  -3.713  1.000 42.307 ? 622 HOH B O   1 ? 
HETATM 685 O O   . HOH E 4 .  ? 7.786   -8.655  5.151   1.000 49.121 ? 623 HOH B O   1 ? 
HETATM 686 O O   . HOH E 4 .  ? -5.353  -10.332 13.768  1.000 66.507 ? 624 HOH B O   1 ? 
HETATM 687 O O   . HOH E 4 .  ? -3.129  -10.113 -8.290  1.000 48.522 ? 625 HOH B O   1 ? 
HETATM 688 O O   . HOH E 4 .  ? 0.768   -13.828 6.803   1.000 46.163 ? 626 HOH B O   1 ? 
HETATM 689 O O   . HOH E 4 .  ? -2.772  -4.339  -18.357 1.000 48.016 ? 627 HOH B O   1 ? 
# 
